data_1C4K
#
_entry.id   1C4K
#
_cell.length_a   111.800
_cell.length_b   111.800
_cell.length_c   135.900
_cell.angle_alpha   90
_cell.angle_beta   90
_cell.angle_gamma   120
#
_symmetry.space_group_name_H-M   'P 32 2 1'
#
loop_
_entity.id
_entity.type
_entity.pdbx_description
1 polymer 'PROTEIN (ORNITHINE DECARBOXYLASE)'
2 non-polymer "PYRIDOXAL-5'-PHOSPHATE"
3 non-polymer "GUANOSINE-5'-TRIPHOSPHATE"
4 water water
#
_entity_poly.entity_id   1
_entity_poly.type   'polypeptide(L)'
_entity_poly.pdbx_seq_one_letter_code
;SSSLKIASTQEARQYFDTDRVVVDAVGSDFTDVGAVIAMDYETDVIDAADATKFGIPVFAVTKDAQAISADELKKIFHII
DLENKFDATVNAREIETAVNNYEDSILPPFFKSLKEYVSRYLIQFDCPGHQGGQYYRKHPAGREFYDFFGETVFRADLCN
ADVALGDLLIHEGPAVAAEKHAARVYNADKTYFVLGGSSNANNTVTSALVSNGDLVLFDRNNHKSVYNSALAMAGGRPVY
LQTNRNPYGFIGGIYDSDFDEKKIRELAAKVDPERAKWKRPFRLAVIQLGTYDGTIYNAHEVVKRIGHLCDYIEFDSAWV
GYEQFIPMMRNSSPLLIDDLGPEDPGIIVVQSVHKQQAGFSQTSQIHKKDSHIKGQLRYCDHKHFNNSFNLFMSTSPFYP
MYAALDVNAAMQEGEAGRKLWHDLLITTIEARKKLIKAGSMFRPFVPPVVNGKKWEDGDTEDMANNIDYWRFEKGAKWHA
YEGYGDNQYYVDPNKFMLTTPGINPETGDYEDFGVPATIVANYLRDHGIIPEKSDLNSILFLMTPAETPAKMNNLITQLL
QLQRLIEEDAPLKQVLPSIYAANEERYNGYTIRELCQELHDFYKNNNTFTYQKRLFLREFFPEQGMLPYEARQEFIRNHN
KLVPLNKIEGEIALEGALPYPPGVFCVAPGEKWSETAVKYFTILQDGINNFPGFAPEIQGVYFKQEGDKVVAYGEVYDAE
VAKNDDRYNN
;
_entity_poly.pdbx_strand_id   A
#
loop_
_chem_comp.id
_chem_comp.type
_chem_comp.name
_chem_comp.formula
GTP non-polymer GUANOSINE-5'-TRIPHOSPHATE 'C10 H16 N5 O14 P3'
PLP non-polymer PYRIDOXAL-5'-PHOSPHATE 'C8 H10 N O6 P'
#
# COMPACT_ATOMS: atom_id res chain seq x y z
N SER A 1 -15.31 -4.95 -31.58
CA SER A 1 -13.86 -5.31 -31.53
C SER A 1 -13.08 -4.16 -30.90
N SER A 2 -12.99 -3.04 -31.61
CA SER A 2 -12.27 -1.87 -31.13
C SER A 2 -13.29 -0.86 -30.58
N SER A 3 -12.91 -0.16 -29.52
CA SER A 3 -13.76 0.84 -28.87
C SER A 3 -13.18 2.25 -28.93
N LEU A 4 -11.96 2.39 -29.44
CA LEU A 4 -11.31 3.69 -29.53
C LEU A 4 -11.94 4.65 -30.55
N LYS A 5 -12.19 5.88 -30.09
CA LYS A 5 -12.80 6.93 -30.90
C LYS A 5 -11.77 7.85 -31.52
N ILE A 6 -12.18 8.60 -32.53
CA ILE A 6 -11.28 9.52 -33.22
C ILE A 6 -11.73 10.90 -32.84
N ALA A 7 -10.82 11.71 -32.33
CA ALA A 7 -11.17 13.07 -31.95
C ALA A 7 -10.68 14.01 -33.01
N SER A 8 -11.60 14.69 -33.67
CA SER A 8 -11.21 15.64 -34.71
C SER A 8 -11.87 16.99 -34.47
N THR A 9 -11.19 18.04 -34.91
CA THR A 9 -11.70 19.38 -34.74
C THR A 9 -12.62 19.68 -35.93
N GLN A 10 -13.54 20.62 -35.76
CA GLN A 10 -14.50 21.01 -36.80
C GLN A 10 -14.01 21.13 -38.24
N GLU A 11 -12.99 21.95 -38.46
CA GLU A 11 -12.42 22.17 -39.79
C GLU A 11 -11.79 20.93 -40.42
N ALA A 12 -11.31 20.02 -39.58
CA ALA A 12 -10.69 18.79 -40.02
C ALA A 12 -11.63 17.64 -40.33
N ARG A 13 -12.89 17.75 -39.92
CA ARG A 13 -13.90 16.71 -40.15
C ARG A 13 -14.11 16.21 -41.59
N GLN A 14 -14.17 17.13 -42.54
CA GLN A 14 -14.38 16.76 -43.93
C GLN A 14 -13.12 16.52 -44.74
N TYR A 15 -12.11 15.94 -44.08
CA TYR A 15 -10.83 15.65 -44.75
C TYR A 15 -10.37 14.20 -44.59
N PHE A 16 -11.16 13.39 -43.86
CA PHE A 16 -10.81 11.97 -43.63
C PHE A 16 -12.03 11.02 -43.63
N ASP A 17 -11.75 9.72 -43.56
CA ASP A 17 -12.82 8.73 -43.55
C ASP A 17 -12.64 7.48 -42.71
N THR A 18 -13.21 7.55 -41.54
CA THR A 18 -13.21 6.47 -40.55
C THR A 18 -14.36 6.90 -39.70
N ASP A 19 -15.50 6.78 -40.40
CA ASP A 19 -16.83 7.07 -39.90
C ASP A 19 -17.33 5.65 -39.66
N ARG A 20 -16.34 4.83 -39.28
CA ARG A 20 -16.45 3.43 -38.96
C ARG A 20 -16.63 3.46 -37.45
N VAL A 21 -15.93 4.38 -36.79
CA VAL A 21 -16.01 4.53 -35.34
C VAL A 21 -16.45 5.94 -35.00
N VAL A 22 -17.01 6.09 -33.81
CA VAL A 22 -17.51 7.36 -33.28
C VAL A 22 -16.44 8.46 -33.26
N VAL A 23 -16.66 9.50 -34.06
CA VAL A 23 -15.73 10.63 -34.12
C VAL A 23 -16.25 11.66 -33.12
N ASP A 24 -15.37 12.37 -32.43
CA ASP A 24 -15.84 13.37 -31.47
C ASP A 24 -15.03 14.66 -31.55
N ALA A 25 -15.39 15.64 -30.74
CA ALA A 25 -14.70 16.92 -30.71
C ALA A 25 -13.60 16.95 -29.65
N VAL A 26 -12.77 17.98 -29.72
CA VAL A 26 -11.69 18.14 -28.78
C VAL A 26 -12.02 19.14 -27.66
N GLY A 27 -12.09 18.55 -26.48
CA GLY A 27 -12.37 19.20 -25.21
C GLY A 27 -12.39 18.00 -24.27
N SER A 28 -11.85 16.89 -24.79
CA SER A 28 -11.74 15.59 -24.12
C SER A 28 -10.45 15.26 -23.36
N ASP A 29 -10.57 14.30 -22.45
CA ASP A 29 -9.47 13.82 -21.61
C ASP A 29 -8.50 12.95 -22.43
N PHE A 30 -8.93 12.60 -23.64
CA PHE A 30 -8.18 11.77 -24.58
C PHE A 30 -7.96 10.33 -24.14
N THR A 31 -8.73 9.88 -23.17
CA THR A 31 -8.59 8.52 -22.68
C THR A 31 -9.32 7.48 -23.53
N ASP A 32 -10.25 7.93 -24.37
CA ASP A 32 -10.99 6.98 -25.23
C ASP A 32 -10.69 7.25 -26.71
N VAL A 33 -9.69 8.10 -26.95
CA VAL A 33 -9.28 8.47 -28.30
C VAL A 33 -8.19 7.61 -28.96
N GLY A 34 -8.41 7.25 -30.23
CA GLY A 34 -7.46 6.43 -30.96
C GLY A 34 -6.47 7.28 -31.72
N ALA A 35 -6.97 8.28 -32.43
CA ALA A 35 -6.14 9.21 -33.21
C ALA A 35 -6.75 10.60 -33.23
N VAL A 36 -5.92 11.61 -33.01
CA VAL A 36 -6.34 13.01 -33.00
C VAL A 36 -6.01 13.58 -34.36
N ILE A 37 -6.99 14.21 -35.02
CA ILE A 37 -6.79 14.81 -36.35
C ILE A 37 -7.18 16.29 -36.33
N ALA A 38 -6.17 17.17 -36.32
CA ALA A 38 -6.39 18.62 -36.30
C ALA A 38 -5.74 19.27 -37.52
N MET A 39 -5.72 20.60 -37.53
CA MET A 39 -5.11 21.38 -38.61
C MET A 39 -3.79 21.93 -38.13
N ASP A 40 -2.88 22.25 -39.04
CA ASP A 40 -1.58 22.78 -38.65
C ASP A 40 -1.65 24.02 -37.76
N TYR A 41 -2.66 24.86 -37.99
CA TYR A 41 -2.83 26.09 -37.22
C TYR A 41 -3.54 25.87 -35.89
N GLU A 42 -4.25 24.75 -35.77
CA GLU A 42 -4.96 24.43 -34.54
C GLU A 42 -3.93 23.87 -33.54
N THR A 43 -2.94 24.71 -33.26
CA THR A 43 -1.83 24.43 -32.36
C THR A 43 -2.25 24.05 -30.93
N ASP A 44 -3.28 24.68 -30.40
CA ASP A 44 -3.72 24.37 -29.06
C ASP A 44 -4.38 23.01 -28.85
N VAL A 45 -4.84 22.40 -29.93
CA VAL A 45 -5.48 21.08 -29.89
C VAL A 45 -4.42 19.99 -30.07
N ILE A 46 -3.35 20.36 -30.79
CA ILE A 46 -2.22 19.51 -31.07
C ILE A 46 -1.39 19.48 -29.79
N ASP A 47 -1.35 20.61 -29.09
CA ASP A 47 -0.60 20.74 -27.84
C ASP A 47 -1.27 20.03 -26.68
N ALA A 48 -2.61 19.96 -26.72
CA ALA A 48 -3.43 19.31 -25.68
C ALA A 48 -3.38 17.79 -25.68
N ALA A 49 -3.26 17.21 -26.87
CA ALA A 49 -3.20 15.75 -27.02
C ALA A 49 -1.79 15.29 -26.65
N ASP A 50 -0.82 16.14 -26.98
CA ASP A 50 0.57 15.88 -26.72
C ASP A 50 0.88 15.96 -25.22
N ALA A 51 0.26 16.93 -24.54
CA ALA A 51 0.45 17.16 -23.10
C ALA A 51 0.11 15.99 -22.21
N THR A 52 -0.81 15.12 -22.63
CA THR A 52 -1.20 13.95 -21.84
C THR A 52 -0.14 12.83 -21.84
N LYS A 53 0.82 12.93 -22.76
CA LYS A 53 1.92 12.00 -22.96
C LYS A 53 1.49 10.53 -23.17
N PHE A 54 0.23 10.33 -23.55
CA PHE A 54 -0.31 8.99 -23.80
C PHE A 54 0.34 8.36 -25.01
N GLY A 55 0.69 9.19 -26.00
CA GLY A 55 1.33 8.70 -27.22
C GLY A 55 0.39 8.50 -28.39
N ILE A 56 -0.71 9.25 -28.36
CA ILE A 56 -1.71 9.19 -29.41
C ILE A 56 -1.22 9.82 -30.72
N PRO A 57 -1.40 9.14 -31.86
CA PRO A 57 -0.95 9.71 -33.14
C PRO A 57 -1.74 10.97 -33.52
N VAL A 58 -1.01 12.06 -33.72
CA VAL A 58 -1.60 13.33 -34.10
C VAL A 58 -1.40 13.58 -35.61
N PHE A 59 -2.52 13.71 -36.34
CA PHE A 59 -2.50 13.96 -37.78
C PHE A 59 -2.78 15.44 -38.04
N ALA A 60 -1.85 16.12 -38.70
CA ALA A 60 -2.04 17.53 -38.99
C ALA A 60 -2.25 17.80 -40.47
N VAL A 61 -3.46 18.27 -40.81
CA VAL A 61 -3.81 18.59 -42.19
C VAL A 61 -3.20 19.97 -42.45
N THR A 62 -2.44 20.10 -43.52
CA THR A 62 -1.80 21.38 -43.83
C THR A 62 -1.91 21.87 -45.28
N LYS A 63 -1.68 23.17 -45.45
CA LYS A 63 -1.73 23.82 -46.75
C LYS A 63 -0.27 23.92 -47.24
N ASP A 64 0.65 24.15 -46.30
CA ASP A 64 2.07 24.26 -46.57
C ASP A 64 2.84 23.55 -45.44
N ALA A 65 3.33 22.36 -45.75
CA ALA A 65 4.11 21.54 -44.82
C ALA A 65 5.51 22.08 -44.55
N GLN A 66 6.08 22.70 -45.58
CA GLN A 66 7.41 23.29 -45.52
C GLN A 66 7.41 24.52 -44.58
N ALA A 67 6.22 25.05 -44.31
CA ALA A 67 6.03 26.21 -43.45
C ALA A 67 5.64 25.95 -42.00
N ILE A 68 5.36 24.69 -41.67
CA ILE A 68 4.98 24.33 -40.30
C ILE A 68 6.13 24.59 -39.33
N SER A 69 5.80 25.00 -38.09
CA SER A 69 6.80 25.29 -37.04
C SER A 69 7.57 24.03 -36.67
N ALA A 70 8.86 24.18 -36.37
CA ALA A 70 9.66 23.02 -36.02
C ALA A 70 9.30 22.43 -34.70
N ASP A 71 8.91 23.26 -33.73
CA ASP A 71 8.56 22.72 -32.41
C ASP A 71 7.25 21.95 -32.42
N GLU A 72 6.38 22.27 -33.37
CA GLU A 72 5.07 21.61 -33.50
C GLU A 72 5.19 20.26 -34.22
N LEU A 73 6.20 20.12 -35.07
CA LEU A 73 6.44 18.90 -35.83
C LEU A 73 6.83 17.73 -34.95
N LYS A 74 7.32 18.02 -33.75
CA LYS A 74 7.71 16.98 -32.81
C LYS A 74 6.44 16.35 -32.23
N LYS A 75 5.37 17.14 -32.19
CA LYS A 75 4.07 16.71 -31.67
C LYS A 75 3.19 16.04 -32.68
N ILE A 76 3.35 16.45 -33.94
CA ILE A 76 2.58 15.89 -35.05
C ILE A 76 3.16 14.53 -35.43
N PHE A 77 2.33 13.52 -35.69
CA PHE A 77 2.88 12.23 -36.05
C PHE A 77 2.99 12.05 -37.56
N HIS A 78 1.92 12.35 -38.27
CA HIS A 78 1.89 12.23 -39.73
C HIS A 78 1.26 13.49 -40.30
N ILE A 79 1.66 13.83 -41.53
CA ILE A 79 1.13 15.00 -42.21
C ILE A 79 0.21 14.61 -43.35
N ILE A 80 -0.96 15.22 -43.41
CA ILE A 80 -1.92 14.91 -44.47
C ILE A 80 -1.79 16.19 -45.28
N ASP A 81 -1.00 16.15 -46.36
CA ASP A 81 -0.80 17.33 -47.21
C ASP A 81 -1.91 17.58 -48.23
N LEU A 82 -1.93 18.80 -48.74
CA LEU A 82 -2.92 19.22 -49.74
C LEU A 82 -2.13 19.89 -50.88
N GLU A 83 -1.11 19.19 -51.38
CA GLU A 83 -0.25 19.69 -52.46
C GLU A 83 0.54 18.55 -53.10
N PHE A 86 -3.20 14.39 -52.73
CA PHE A 86 -4.54 13.78 -52.88
C PHE A 86 -5.28 13.65 -51.54
N ASP A 87 -6.60 13.75 -51.64
CA ASP A 87 -7.50 13.62 -50.51
C ASP A 87 -8.18 12.32 -50.95
N ALA A 88 -7.73 11.20 -50.40
CA ALA A 88 -8.30 9.90 -50.78
C ALA A 88 -8.49 8.87 -49.67
N THR A 89 -8.78 7.64 -50.10
CA THR A 89 -9.01 6.49 -49.24
C THR A 89 -7.70 5.94 -48.66
N VAL A 90 -6.59 6.53 -49.05
CA VAL A 90 -5.27 6.11 -48.56
C VAL A 90 -5.07 6.78 -47.20
N ASN A 91 -5.68 7.96 -47.03
CA ASN A 91 -5.61 8.73 -45.79
C ASN A 91 -6.40 7.95 -44.73
N ALA A 92 -7.46 7.29 -45.18
CA ALA A 92 -8.34 6.48 -44.33
C ALA A 92 -7.64 5.23 -43.84
N ARG A 93 -6.62 4.79 -44.57
CA ARG A 93 -5.85 3.61 -44.24
C ARG A 93 -4.84 3.93 -43.16
N GLU A 94 -4.08 5.01 -43.38
CA GLU A 94 -3.04 5.49 -42.46
C GLU A 94 -3.58 5.79 -41.06
N ILE A 95 -4.77 6.42 -41.04
CA ILE A 95 -5.45 6.79 -39.80
C ILE A 95 -5.99 5.57 -39.05
N GLU A 96 -6.40 4.56 -39.79
CA GLU A 96 -6.92 3.32 -39.25
C GLU A 96 -5.77 2.46 -38.73
N THR A 97 -4.65 2.49 -39.45
CA THR A 97 -3.47 1.73 -39.09
C THR A 97 -2.80 2.37 -37.86
N ALA A 98 -2.96 3.68 -37.72
CA ALA A 98 -2.39 4.42 -36.61
C ALA A 98 -3.17 4.07 -35.36
N VAL A 99 -4.49 4.01 -35.50
CA VAL A 99 -5.38 3.68 -34.43
C VAL A 99 -5.11 2.25 -33.97
N ASN A 100 -4.78 1.37 -34.92
CA ASN A 100 -4.50 -0.03 -34.61
C ASN A 100 -3.16 -0.22 -33.98
N ASN A 101 -2.17 0.50 -34.46
CA ASN A 101 -0.84 0.36 -33.90
C ASN A 101 -0.76 0.97 -32.51
N TYR A 102 -1.67 1.90 -32.23
CA TYR A 102 -1.74 2.59 -30.94
C TYR A 102 -2.42 1.69 -29.91
N GLU A 103 -3.51 1.04 -30.31
CA GLU A 103 -4.25 0.14 -29.42
C GLU A 103 -3.41 -1.08 -29.10
N ASP A 104 -2.52 -1.47 -30.00
CA ASP A 104 -1.65 -2.63 -29.80
C ASP A 104 -0.59 -2.28 -28.78
N SER A 105 -0.32 -0.97 -28.67
CA SER A 105 0.66 -0.41 -27.75
C SER A 105 0.18 -0.24 -26.32
N ILE A 106 -0.98 0.41 -26.15
CA ILE A 106 -1.52 0.61 -24.82
C ILE A 106 -2.14 -0.61 -24.13
N LEU A 107 -2.53 -1.62 -24.89
CA LEU A 107 -3.11 -2.82 -24.28
C LEU A 107 -1.97 -3.80 -23.95
N PRO A 108 -1.80 -4.13 -22.65
CA PRO A 108 -0.75 -5.06 -22.20
C PRO A 108 -0.96 -6.52 -22.71
N PRO A 109 0.07 -7.40 -22.61
CA PRO A 109 0.00 -8.77 -23.07
C PRO A 109 -1.11 -9.77 -22.70
N PHE A 110 -1.48 -9.87 -21.42
CA PHE A 110 -2.53 -10.82 -21.02
C PHE A 110 -3.95 -10.33 -21.19
N PHE A 111 -4.16 -9.05 -20.92
CA PHE A 111 -5.49 -8.47 -21.06
C PHE A 111 -5.92 -8.47 -22.52
N LYS A 112 -4.97 -8.21 -23.42
CA LYS A 112 -5.19 -8.16 -24.87
C LYS A 112 -5.77 -9.51 -25.34
N SER A 113 -5.20 -10.63 -24.86
CA SER A 113 -5.63 -12.00 -25.20
C SER A 113 -6.94 -12.36 -24.58
N LEU A 114 -7.17 -11.91 -23.34
CA LEU A 114 -8.42 -12.20 -22.65
C LEU A 114 -9.58 -11.51 -23.37
N LYS A 115 -9.31 -10.31 -23.88
CA LYS A 115 -10.30 -9.51 -24.61
C LYS A 115 -10.67 -10.20 -25.93
N GLU A 116 -9.67 -10.81 -26.58
CA GLU A 116 -9.87 -11.51 -27.85
C GLU A 116 -10.61 -12.82 -27.68
N TYR A 117 -10.21 -13.59 -26.68
CA TYR A 117 -10.80 -14.90 -26.36
C TYR A 117 -12.28 -14.81 -26.02
N VAL A 118 -12.64 -13.77 -25.26
CA VAL A 118 -14.00 -13.53 -24.84
C VAL A 118 -14.84 -13.12 -26.04
N SER A 119 -14.20 -12.52 -27.04
CA SER A 119 -14.87 -12.08 -28.26
C SER A 119 -15.40 -13.24 -29.11
N ARG A 120 -14.97 -14.45 -28.82
CA ARG A 120 -15.39 -15.65 -29.54
C ARG A 120 -16.64 -16.24 -28.88
N TYR A 121 -17.31 -17.13 -29.59
CA TYR A 121 -18.51 -17.77 -29.06
C TYR A 121 -17.97 -19.19 -28.85
N LEU A 122 -17.52 -19.45 -27.62
CA LEU A 122 -16.97 -20.77 -27.28
C LEU A 122 -17.86 -21.45 -26.28
N ILE A 123 -18.24 -22.69 -26.56
CA ILE A 123 -19.09 -23.48 -25.69
C ILE A 123 -18.21 -24.12 -24.62
N GLN A 124 -18.27 -23.55 -23.40
CA GLN A 124 -17.50 -24.00 -22.25
C GLN A 124 -18.11 -25.18 -21.51
N PHE A 125 -17.34 -26.26 -21.39
CA PHE A 125 -17.73 -27.50 -20.70
C PHE A 125 -16.68 -27.81 -19.64
N ASP A 126 -15.79 -26.86 -19.40
CA ASP A 126 -14.72 -26.99 -18.41
C ASP A 126 -15.00 -26.21 -17.10
N CYS A 127 -13.93 -25.87 -16.37
CA CYS A 127 -14.04 -25.13 -15.10
C CYS A 127 -13.95 -23.63 -15.47
N PRO A 128 -14.66 -22.76 -14.74
CA PRO A 128 -15.57 -22.93 -13.58
C PRO A 128 -16.91 -23.47 -14.01
N GLY A 129 -17.52 -24.23 -13.12
CA GLY A 129 -18.83 -24.83 -13.37
C GLY A 129 -19.94 -23.90 -13.79
N HIS A 130 -19.89 -22.61 -13.44
CA HIS A 130 -20.97 -21.72 -13.84
C HIS A 130 -20.96 -21.51 -15.36
N GLN A 131 -19.84 -21.85 -15.99
CA GLN A 131 -19.63 -21.76 -17.43
C GLN A 131 -20.21 -20.53 -18.11
N GLY A 132 -19.51 -19.42 -17.99
CA GLY A 132 -19.95 -18.16 -18.59
C GLY A 132 -21.13 -17.57 -17.83
N GLY A 133 -21.25 -17.93 -16.55
CA GLY A 133 -22.32 -17.44 -15.72
C GLY A 133 -23.69 -17.96 -16.07
N GLN A 134 -23.77 -19.04 -16.84
CA GLN A 134 -25.06 -19.59 -17.22
C GLN A 134 -25.84 -20.35 -16.15
N TYR A 135 -25.17 -20.66 -15.03
CA TYR A 135 -25.75 -21.39 -13.88
C TYR A 135 -26.44 -20.32 -13.05
N TYR A 136 -25.77 -19.20 -12.89
CA TYR A 136 -26.30 -18.09 -12.14
C TYR A 136 -27.64 -17.60 -12.69
N ARG A 137 -27.79 -17.49 -14.01
CA ARG A 137 -29.07 -17.01 -14.57
C ARG A 137 -30.21 -18.03 -14.66
N LYS A 138 -30.10 -19.10 -13.87
CA LYS A 138 -31.10 -20.19 -13.81
C LYS A 138 -31.80 -20.21 -12.45
N HIS A 139 -31.30 -19.40 -11.52
CA HIS A 139 -31.85 -19.28 -10.16
C HIS A 139 -32.05 -17.79 -9.86
N PRO A 140 -33.11 -17.41 -9.13
CA PRO A 140 -33.34 -15.99 -8.81
C PRO A 140 -32.25 -15.28 -8.04
N ALA A 141 -31.60 -15.96 -7.09
CA ALA A 141 -30.53 -15.34 -6.30
C ALA A 141 -29.31 -15.10 -7.19
N GLY A 142 -29.01 -16.07 -8.04
CA GLY A 142 -27.87 -15.98 -8.95
C GLY A 142 -28.12 -15.01 -10.08
N ARG A 143 -29.37 -14.88 -10.49
CA ARG A 143 -29.76 -13.98 -11.57
C ARG A 143 -29.53 -12.54 -11.12
N GLU A 144 -29.71 -12.31 -9.81
CA GLU A 144 -29.53 -11.00 -9.20
C GLU A 144 -28.03 -10.73 -9.12
N PHE A 145 -27.26 -11.80 -9.00
CA PHE A 145 -25.79 -11.73 -8.92
C PHE A 145 -25.19 -11.47 -10.32
N TYR A 146 -25.77 -12.14 -11.31
CA TYR A 146 -25.35 -12.01 -12.69
C TYR A 146 -25.58 -10.56 -13.17
N ASP A 147 -26.81 -10.08 -12.99
CA ASP A 147 -27.22 -8.74 -13.39
C ASP A 147 -26.53 -7.59 -12.66
N PHE A 148 -26.05 -7.86 -11.46
CA PHE A 148 -25.36 -6.86 -10.65
C PHE A 148 -23.96 -6.64 -11.20
N PHE A 149 -23.29 -7.72 -11.55
CA PHE A 149 -21.95 -7.61 -12.08
C PHE A 149 -21.80 -7.52 -13.60
N GLY A 150 -22.75 -8.06 -14.36
CA GLY A 150 -22.67 -8.01 -15.80
C GLY A 150 -22.14 -9.31 -16.38
N GLU A 151 -22.39 -9.53 -17.67
CA GLU A 151 -21.96 -10.74 -18.38
C GLU A 151 -20.46 -11.02 -18.45
N THR A 152 -19.68 -9.99 -18.72
CA THR A 152 -18.23 -10.08 -18.84
C THR A 152 -17.38 -10.67 -17.73
N VAL A 153 -17.63 -10.33 -16.48
CA VAL A 153 -16.84 -10.86 -15.36
C VAL A 153 -16.98 -12.40 -15.22
N PHE A 154 -18.08 -12.93 -15.76
CA PHE A 154 -18.38 -14.35 -15.72
C PHE A 154 -17.81 -15.02 -16.96
N ARG A 155 -17.76 -14.28 -18.06
CA ARG A 155 -17.25 -14.75 -19.34
C ARG A 155 -15.73 -14.80 -19.36
N ALA A 156 -15.12 -13.92 -18.59
CA ALA A 156 -13.67 -13.82 -18.49
C ALA A 156 -13.09 -14.81 -17.45
N ASP A 157 -13.98 -15.41 -16.65
CA ASP A 157 -13.62 -16.36 -15.62
C ASP A 157 -13.37 -17.69 -16.32
N LEU A 158 -12.13 -17.93 -16.69
CA LEU A 158 -11.71 -19.16 -17.39
C LEU A 158 -10.65 -19.96 -16.60
N CYS A 159 -10.10 -21.02 -17.20
CA CYS A 159 -9.08 -21.84 -16.52
C CYS A 159 -8.03 -22.40 -17.49
N ASN A 160 -7.17 -23.27 -16.98
CA ASN A 160 -6.10 -23.89 -17.78
C ASN A 160 -6.56 -24.59 -19.04
N ALA A 161 -7.77 -25.15 -19.02
CA ALA A 161 -8.34 -25.87 -20.18
C ALA A 161 -8.59 -24.95 -21.38
N ASP A 162 -8.42 -23.66 -21.16
CA ASP A 162 -8.60 -22.64 -22.18
C ASP A 162 -7.13 -22.28 -22.44
N VAL A 163 -6.40 -23.28 -22.92
CA VAL A 163 -4.97 -23.19 -23.22
C VAL A 163 -4.42 -21.99 -23.98
N ALA A 164 -5.27 -21.27 -24.72
CA ALA A 164 -4.82 -20.10 -25.49
C ALA A 164 -4.25 -18.95 -24.66
N LEU A 165 -4.68 -18.89 -23.40
CA LEU A 165 -4.24 -17.85 -22.47
C LEU A 165 -2.94 -18.13 -21.70
N GLY A 166 -2.32 -19.27 -21.95
CA GLY A 166 -1.08 -19.62 -21.28
C GLY A 166 -1.22 -20.48 -20.05
N ASP A 167 -0.23 -20.39 -19.19
CA ASP A 167 -0.17 -21.14 -17.93
C ASP A 167 0.25 -20.13 -16.87
N LEU A 168 -0.61 -19.94 -15.87
CA LEU A 168 -0.34 -19.01 -14.81
C LEU A 168 0.50 -19.51 -13.63
N LEU A 169 0.76 -20.82 -13.60
CA LEU A 169 1.56 -21.45 -12.53
C LEU A 169 3.01 -21.76 -12.97
N ILE A 170 3.19 -22.47 -14.08
CA ILE A 170 4.55 -22.77 -14.54
C ILE A 170 4.99 -21.74 -15.59
N HIS A 171 4.29 -20.60 -15.58
CA HIS A 171 4.49 -19.43 -16.44
C HIS A 171 4.75 -19.57 -17.94
N GLU A 172 3.68 -19.79 -18.69
CA GLU A 172 3.78 -19.93 -20.13
C GLU A 172 2.72 -19.13 -20.88
N GLY A 173 2.98 -18.87 -22.16
CA GLY A 173 2.08 -18.12 -23.02
C GLY A 173 1.95 -16.64 -22.68
N PRO A 174 0.76 -16.03 -22.90
CA PRO A 174 0.52 -14.61 -22.62
C PRO A 174 0.65 -14.29 -21.12
N ALA A 175 0.55 -15.32 -20.27
CA ALA A 175 0.66 -15.15 -18.83
C ALA A 175 2.05 -14.69 -18.42
N VAL A 176 3.08 -15.33 -18.96
CA VAL A 176 4.48 -14.98 -18.65
C VAL A 176 4.89 -13.72 -19.40
N ALA A 177 4.21 -13.45 -20.52
CA ALA A 177 4.50 -12.27 -21.32
C ALA A 177 4.14 -11.06 -20.49
N ALA A 178 3.03 -11.17 -19.76
CA ALA A 178 2.55 -10.10 -18.90
C ALA A 178 3.56 -9.82 -17.78
N GLU A 179 4.03 -10.89 -17.13
CA GLU A 179 5.01 -10.81 -16.04
C GLU A 179 6.40 -10.34 -16.49
N LYS A 180 6.75 -10.63 -17.75
CA LYS A 180 8.05 -10.22 -18.28
C LYS A 180 7.96 -8.75 -18.64
N HIS A 181 6.75 -8.25 -18.89
CA HIS A 181 6.53 -6.85 -19.22
C HIS A 181 6.64 -6.03 -17.93
N ALA A 182 6.00 -6.51 -16.87
CA ALA A 182 6.01 -5.85 -15.56
C ALA A 182 7.44 -5.82 -15.02
N ALA A 183 8.20 -6.87 -15.31
CA ALA A 183 9.57 -6.98 -14.87
C ALA A 183 10.44 -5.94 -15.53
N ARG A 184 10.05 -5.44 -16.71
CA ARG A 184 10.84 -4.41 -17.42
C ARG A 184 10.44 -3.05 -16.90
N VAL A 185 9.16 -2.93 -16.59
CA VAL A 185 8.56 -1.70 -16.07
C VAL A 185 9.08 -1.40 -14.67
N TYR A 186 9.35 -2.44 -13.88
CA TYR A 186 9.83 -2.23 -12.53
C TYR A 186 11.33 -2.42 -12.32
N ASN A 187 12.09 -2.57 -13.42
CA ASN A 187 13.56 -2.77 -13.41
C ASN A 187 14.02 -3.98 -12.57
N ALA A 188 13.33 -5.10 -12.76
CA ALA A 188 13.63 -6.33 -12.03
C ALA A 188 13.91 -7.48 -12.96
N ASP A 189 14.56 -8.53 -12.43
CA ASP A 189 14.91 -9.71 -13.20
C ASP A 189 13.64 -10.45 -13.55
N LYS A 190 12.88 -10.84 -12.52
CA LYS A 190 11.63 -11.57 -12.73
C LYS A 190 10.52 -11.03 -11.83
N THR A 191 9.29 -11.11 -12.33
CA THR A 191 8.10 -10.66 -11.62
C THR A 191 7.08 -11.78 -11.46
N TYR A 192 6.62 -11.99 -10.22
CA TYR A 192 5.63 -13.01 -9.90
C TYR A 192 4.32 -12.35 -9.50
N PHE A 193 3.24 -12.69 -10.21
CA PHE A 193 1.90 -12.14 -9.94
C PHE A 193 1.23 -13.03 -8.89
N VAL A 194 1.00 -12.47 -7.70
CA VAL A 194 0.35 -13.19 -6.60
C VAL A 194 -1.09 -12.76 -6.48
N LEU A 195 -2.00 -13.72 -6.42
CA LEU A 195 -3.43 -13.41 -6.32
C LEU A 195 -4.01 -13.60 -4.92
N GLY A 196 -3.14 -13.74 -3.93
CA GLY A 196 -3.55 -13.94 -2.55
C GLY A 196 -3.00 -12.81 -1.69
N GLY A 197 -2.92 -11.60 -2.25
CA GLY A 197 -2.42 -10.44 -1.54
C GLY A 197 -0.98 -10.58 -1.12
N SER A 198 -0.43 -9.50 -0.54
CA SER A 198 0.96 -9.50 -0.09
C SER A 198 1.16 -10.43 1.10
N SER A 199 0.07 -11.00 1.60
CA SER A 199 0.10 -11.91 2.72
C SER A 199 0.68 -13.21 2.25
N ASN A 200 0.16 -13.68 1.13
CA ASN A 200 0.60 -14.93 0.54
C ASN A 200 1.89 -14.72 -0.25
N ALA A 201 2.17 -13.48 -0.64
CA ALA A 201 3.38 -13.17 -1.38
C ALA A 201 4.50 -13.15 -0.35
N ASN A 202 4.14 -12.82 0.90
CA ASN A 202 5.09 -12.76 2.01
C ASN A 202 5.39 -14.19 2.40
N ASN A 203 4.43 -15.09 2.15
CA ASN A 203 4.58 -16.51 2.47
C ASN A 203 5.49 -17.12 1.41
N THR A 204 5.39 -16.61 0.19
CA THR A 204 6.19 -17.10 -0.91
C THR A 204 7.65 -16.78 -0.69
N VAL A 205 7.96 -15.50 -0.51
CA VAL A 205 9.32 -15.07 -0.29
C VAL A 205 10.09 -15.77 0.82
N THR A 206 9.53 -15.76 2.02
CA THR A 206 10.17 -16.39 3.17
C THR A 206 10.23 -17.93 3.15
N SER A 207 9.21 -18.61 2.64
CA SER A 207 9.21 -20.07 2.58
C SER A 207 10.15 -20.60 1.50
N ALA A 208 10.62 -19.71 0.63
CA ALA A 208 11.52 -20.07 -0.44
C ALA A 208 12.96 -19.91 0.00
N LEU A 209 13.18 -18.99 0.94
CA LEU A 209 14.53 -18.68 1.46
C LEU A 209 14.89 -19.09 2.87
N VAL A 210 13.92 -19.09 3.76
CA VAL A 210 14.16 -19.44 5.16
C VAL A 210 14.00 -20.90 5.52
N SER A 211 15.07 -21.45 6.08
CA SER A 211 15.14 -22.85 6.51
C SER A 211 14.99 -22.83 8.03
N ASN A 212 14.53 -23.92 8.63
CA ASN A 212 14.34 -23.98 10.08
C ASN A 212 15.66 -23.72 10.80
N GLY A 213 15.72 -22.60 11.54
CA GLY A 213 16.90 -22.24 12.28
C GLY A 213 17.65 -21.03 11.72
N ASP A 214 17.38 -20.63 10.48
CA ASP A 214 18.08 -19.48 9.88
C ASP A 214 17.77 -18.16 10.57
N LEU A 215 18.75 -17.27 10.62
CA LEU A 215 18.58 -15.97 11.25
C LEU A 215 17.94 -15.00 10.27
N VAL A 216 16.98 -14.24 10.76
CA VAL A 216 16.26 -13.25 9.95
C VAL A 216 16.42 -11.89 10.63
N LEU A 217 16.94 -10.89 9.92
CA LEU A 217 17.12 -9.56 10.51
C LEU A 217 15.71 -8.95 10.40
N PHE A 218 14.99 -9.08 11.50
CA PHE A 218 13.62 -8.60 11.66
C PHE A 218 13.34 -7.16 12.11
N ASP A 219 12.51 -6.48 11.33
CA ASP A 219 12.09 -5.10 11.56
C ASP A 219 10.91 -5.31 12.51
N ARG A 220 10.90 -4.64 13.65
CA ARG A 220 9.81 -4.81 14.63
C ARG A 220 8.44 -4.30 14.12
N ASN A 221 8.48 -3.46 13.08
CA ASN A 221 7.27 -2.89 12.46
C ASN A 221 6.60 -3.84 11.46
N ASN A 222 7.25 -4.94 11.15
CA ASN A 222 6.72 -5.89 10.22
C ASN A 222 5.33 -6.41 10.46
N HIS A 223 4.59 -6.50 9.35
CA HIS A 223 3.20 -6.96 9.28
C HIS A 223 3.05 -8.38 9.84
N LYS A 224 1.86 -8.75 10.31
CA LYS A 224 1.63 -10.08 10.87
C LYS A 224 2.06 -11.24 9.98
N SER A 225 1.89 -11.08 8.67
CA SER A 225 2.25 -12.11 7.68
C SER A 225 3.74 -12.41 7.67
N VAL A 226 4.55 -11.43 8.03
CA VAL A 226 5.98 -11.61 8.04
C VAL A 226 6.42 -12.27 9.34
N TYR A 227 5.59 -12.15 10.38
CA TYR A 227 5.90 -12.76 11.69
C TYR A 227 5.52 -14.22 11.61
N ASN A 228 4.38 -14.47 10.99
CA ASN A 228 3.81 -15.81 10.81
C ASN A 228 4.56 -16.72 9.85
N SER A 229 4.93 -16.20 8.69
CA SER A 229 5.66 -16.96 7.68
C SER A 229 7.14 -17.15 7.96
N ALA A 230 7.88 -16.06 8.16
CA ALA A 230 9.32 -16.13 8.43
C ALA A 230 9.71 -16.80 9.69
N LEU A 231 8.94 -16.61 10.76
CA LEU A 231 9.22 -17.21 12.06
C LEU A 231 8.34 -18.39 12.47
N ALA A 232 7.04 -18.17 12.66
CA ALA A 232 6.14 -19.23 13.07
C ALA A 232 6.01 -20.42 12.14
N MET A 233 5.97 -20.18 10.84
CA MET A 233 5.84 -21.29 9.89
C MET A 233 7.17 -21.91 9.47
N ALA A 234 8.04 -21.09 8.88
CA ALA A 234 9.37 -21.54 8.42
C ALA A 234 10.37 -21.94 9.50
N GLY A 235 10.32 -21.28 10.64
CA GLY A 235 11.25 -21.61 11.72
C GLY A 235 12.45 -20.69 11.80
N GLY A 236 12.35 -19.50 11.21
CA GLY A 236 13.44 -18.55 11.24
C GLY A 236 13.52 -17.98 12.64
N ARG A 237 14.69 -17.49 13.03
CA ARG A 237 14.86 -16.91 14.34
C ARG A 237 15.22 -15.46 14.17
N PRO A 238 14.36 -14.58 14.73
CA PRO A 238 14.51 -13.13 14.68
C PRO A 238 15.56 -12.45 15.53
N VAL A 239 16.06 -11.37 14.97
CA VAL A 239 17.07 -10.50 15.56
C VAL A 239 16.32 -9.21 15.23
N TYR A 240 15.47 -8.82 16.19
CA TYR A 240 14.62 -7.62 16.11
C TYR A 240 15.34 -6.31 16.16
N LEU A 241 14.92 -5.38 15.31
CA LEU A 241 15.51 -4.03 15.25
C LEU A 241 14.45 -3.05 15.80
N GLN A 242 14.79 -2.29 16.84
CA GLN A 242 13.85 -1.34 17.41
C GLN A 242 13.47 -0.21 16.47
N THR A 243 12.21 0.17 16.54
CA THR A 243 11.65 1.23 15.70
C THR A 243 11.18 2.49 16.44
N ASN A 244 11.05 3.58 15.69
CA ASN A 244 10.62 4.89 16.22
C ASN A 244 9.12 5.08 16.29
N ARG A 245 8.69 5.84 17.28
CA ARG A 245 7.29 6.16 17.53
C ARG A 245 7.29 7.55 18.16
N ASN A 246 6.42 8.43 17.68
CA ASN A 246 6.34 9.78 18.22
C ASN A 246 5.09 9.91 19.11
N PRO A 247 4.84 11.12 19.72
CA PRO A 247 3.65 11.28 20.57
C PRO A 247 2.29 11.09 19.92
N TYR A 248 2.28 10.82 18.60
CA TYR A 248 1.03 10.58 17.86
C TYR A 248 0.86 9.07 17.64
N GLY A 249 1.89 8.31 18.01
CA GLY A 249 1.86 6.86 17.87
C GLY A 249 2.09 6.45 16.41
N PHE A 250 2.77 7.31 15.67
CA PHE A 250 3.08 7.08 14.26
C PHE A 250 4.17 6.04 14.07
N ILE A 251 3.94 5.11 13.13
CA ILE A 251 4.88 4.05 12.80
C ILE A 251 6.07 4.66 12.06
N GLY A 252 7.15 4.91 12.77
CA GLY A 252 8.33 5.50 12.16
C GLY A 252 9.31 4.41 11.75
N GLY A 253 10.47 4.80 11.22
CA GLY A 253 11.46 3.83 10.79
C GLY A 253 12.35 3.26 11.86
N ILE A 254 13.26 2.40 11.45
CA ILE A 254 14.20 1.76 12.36
C ILE A 254 15.20 2.78 12.90
N TYR A 255 15.65 2.58 14.13
CA TYR A 255 16.60 3.49 14.76
C TYR A 255 17.91 3.59 13.99
N ASP A 256 18.45 4.80 13.87
CA ASP A 256 19.71 5.03 13.16
C ASP A 256 20.87 4.22 13.77
N SER A 257 20.92 4.16 15.10
CA SER A 257 21.96 3.44 15.86
C SER A 257 21.88 1.91 15.74
N ASP A 258 20.77 1.41 15.20
CA ASP A 258 20.54 -0.02 15.02
C ASP A 258 21.15 -0.48 13.72
N PHE A 259 21.45 0.47 12.83
CA PHE A 259 22.05 0.14 11.54
C PHE A 259 23.57 0.16 11.75
N ASP A 260 24.02 -0.50 12.81
CA ASP A 260 25.44 -0.56 13.13
C ASP A 260 25.82 -2.02 13.18
N GLU A 261 26.87 -2.40 12.45
CA GLU A 261 27.33 -3.79 12.41
C GLU A 261 27.72 -4.37 13.76
N LYS A 262 28.29 -3.53 14.63
CA LYS A 262 28.69 -3.98 15.96
C LYS A 262 27.50 -4.26 16.85
N LYS A 263 26.39 -3.55 16.66
CA LYS A 263 25.21 -3.80 17.49
C LYS A 263 24.47 -5.00 16.99
N ILE A 264 24.41 -5.12 15.67
CA ILE A 264 23.73 -6.22 14.97
C ILE A 264 24.36 -7.57 15.31
N ARG A 265 25.68 -7.67 15.25
CA ARG A 265 26.38 -8.92 15.56
C ARG A 265 26.26 -9.25 17.02
N GLU A 266 26.14 -8.22 17.86
CA GLU A 266 26.02 -8.41 19.31
C GLU A 266 24.62 -8.92 19.60
N LEU A 267 23.66 -8.33 18.91
CA LEU A 267 22.24 -8.64 19.01
C LEU A 267 21.97 -10.09 18.54
N ALA A 268 22.70 -10.47 17.49
CA ALA A 268 22.60 -11.79 16.88
C ALA A 268 23.06 -12.96 17.73
N ALA A 269 23.24 -12.75 19.03
CA ALA A 269 23.66 -13.84 19.90
C ALA A 269 22.45 -14.76 20.24
N LYS A 270 21.88 -15.32 19.17
CA LYS A 270 20.73 -16.25 19.20
C LYS A 270 21.51 -17.54 19.04
N VAL A 271 22.57 -17.44 18.21
CA VAL A 271 23.53 -18.52 17.87
C VAL A 271 24.87 -17.80 17.94
N ASP A 272 25.74 -18.22 18.84
CA ASP A 272 27.04 -17.58 18.97
C ASP A 272 27.97 -17.70 17.77
N PRO A 273 28.01 -18.87 17.09
CA PRO A 273 28.93 -18.93 15.95
C PRO A 273 28.38 -18.41 14.63
N GLU A 274 27.04 -18.39 14.50
CA GLU A 274 26.39 -17.91 13.28
C GLU A 274 26.56 -16.41 13.12
N ARG A 275 27.14 -15.75 14.13
CA ARG A 275 27.38 -14.30 14.10
C ARG A 275 28.85 -13.93 14.30
N ALA A 276 29.53 -14.72 15.11
CA ALA A 276 30.94 -14.56 15.46
C ALA A 276 31.94 -14.41 14.34
N LYS A 277 31.78 -15.22 13.31
CA LYS A 277 32.70 -15.16 12.20
C LYS A 277 31.98 -15.07 10.87
N TRP A 278 30.75 -15.59 10.79
CA TRP A 278 29.99 -15.58 9.54
C TRP A 278 29.97 -14.20 8.93
N LYS A 279 30.46 -14.09 7.70
CA LYS A 279 30.49 -12.81 7.03
C LYS A 279 29.07 -12.33 6.84
N ARG A 280 28.18 -13.28 6.55
CA ARG A 280 26.76 -13.06 6.34
C ARG A 280 25.96 -13.95 7.30
N PRO A 281 25.63 -13.41 8.49
CA PRO A 281 24.86 -14.17 9.50
C PRO A 281 23.36 -14.31 9.22
N PHE A 282 22.85 -13.48 8.31
CA PHE A 282 21.42 -13.51 7.97
C PHE A 282 21.13 -13.98 6.57
N ARG A 283 20.12 -14.84 6.49
CA ARG A 283 19.67 -15.41 5.24
C ARG A 283 18.76 -14.38 4.58
N LEU A 284 17.85 -13.84 5.39
CA LEU A 284 16.88 -12.86 4.96
C LEU A 284 16.80 -11.70 5.94
N ALA A 285 16.46 -10.53 5.43
CA ALA A 285 16.32 -9.35 6.25
C ALA A 285 15.04 -8.75 5.71
N VAL A 286 14.03 -8.62 6.57
CA VAL A 286 12.77 -8.05 6.13
C VAL A 286 12.65 -6.67 6.74
N ILE A 287 12.54 -5.66 5.88
CA ILE A 287 12.40 -4.27 6.31
C ILE A 287 11.09 -3.80 5.65
N GLN A 288 10.29 -3.00 6.34
CA GLN A 288 9.02 -2.50 5.81
C GLN A 288 9.35 -1.12 5.22
N LEU A 289 9.56 -1.07 3.90
CA LEU A 289 9.91 0.16 3.21
C LEU A 289 9.02 1.39 3.44
N GLY A 290 7.72 1.16 3.43
CA GLY A 290 6.80 2.25 3.63
C GLY A 290 5.84 1.93 4.73
N THR A 291 5.85 2.74 5.79
CA THR A 291 4.95 2.51 6.90
C THR A 291 3.60 3.16 6.59
N TYR A 292 2.57 2.69 7.28
CA TYR A 292 1.16 3.13 7.17
C TYR A 292 1.00 4.64 7.43
N ASP A 293 1.79 5.14 8.37
CA ASP A 293 1.77 6.53 8.77
C ASP A 293 2.63 7.49 7.94
N GLY A 294 3.11 7.01 6.81
CA GLY A 294 3.91 7.84 5.92
C GLY A 294 5.41 7.90 6.12
N THR A 295 6.04 6.84 6.58
CA THR A 295 7.48 6.88 6.77
C THR A 295 8.14 5.99 5.71
N ILE A 296 8.75 6.61 4.72
CA ILE A 296 9.38 5.84 3.69
C ILE A 296 10.92 5.99 3.83
N TYR A 297 11.61 4.85 3.82
CA TYR A 297 13.08 4.76 3.94
C TYR A 297 13.91 5.23 2.75
N ASN A 298 15.22 5.15 2.94
CA ASN A 298 16.20 5.51 1.92
C ASN A 298 16.70 4.08 1.65
N ALA A 299 16.14 3.41 0.65
CA ALA A 299 16.56 2.05 0.32
C ALA A 299 18.01 1.91 -0.08
N HIS A 300 18.60 2.98 -0.60
CA HIS A 300 19.99 2.97 -1.01
C HIS A 300 20.93 2.88 0.20
N GLU A 301 20.56 3.59 1.26
CA GLU A 301 21.35 3.61 2.50
C GLU A 301 21.19 2.36 3.34
N VAL A 302 20.08 1.64 3.16
CA VAL A 302 19.80 0.40 3.90
C VAL A 302 20.68 -0.72 3.35
N VAL A 303 20.80 -0.78 2.02
CA VAL A 303 21.60 -1.80 1.38
C VAL A 303 23.08 -1.57 1.71
N LYS A 304 23.49 -0.30 1.75
CA LYS A 304 24.86 0.07 2.06
C LYS A 304 25.28 -0.28 3.49
N ARG A 305 24.36 -0.17 4.44
CA ARG A 305 24.65 -0.46 5.84
C ARG A 305 24.40 -1.86 6.42
N ILE A 306 23.39 -2.59 5.97
CA ILE A 306 23.17 -3.94 6.49
C ILE A 306 23.29 -5.00 5.40
N GLY A 307 23.37 -4.57 4.15
CA GLY A 307 23.47 -5.47 3.01
C GLY A 307 24.55 -6.54 2.93
N HIS A 308 25.76 -6.26 3.40
CA HIS A 308 26.84 -7.24 3.34
C HIS A 308 26.81 -8.29 4.45
N LEU A 309 25.73 -8.25 5.23
CA LEU A 309 25.51 -9.16 6.35
C LEU A 309 24.33 -10.08 6.04
N CYS A 310 23.62 -9.77 4.96
CA CYS A 310 22.47 -10.56 4.56
C CYS A 310 22.61 -11.16 3.17
N ASP A 311 22.08 -12.38 3.00
CA ASP A 311 22.14 -13.07 1.71
C ASP A 311 21.11 -12.38 0.83
N TYR A 312 19.98 -12.07 1.46
CA TYR A 312 18.83 -11.41 0.84
C TYR A 312 18.20 -10.39 1.77
N ILE A 313 17.55 -9.41 1.17
CA ILE A 313 16.87 -8.35 1.90
C ILE A 313 15.51 -8.23 1.23
N GLU A 314 14.44 -8.29 2.03
CA GLU A 314 13.10 -8.16 1.47
C GLU A 314 12.52 -6.81 1.90
N PHE A 315 11.98 -6.05 0.95
CA PHE A 315 11.41 -4.77 1.27
C PHE A 315 9.93 -4.95 1.13
N ASP A 316 9.23 -5.02 2.26
CA ASP A 316 7.77 -5.17 2.24
C ASP A 316 7.33 -3.76 1.85
N SER A 317 7.08 -3.57 0.56
CA SER A 317 6.67 -2.28 -0.01
C SER A 317 5.19 -2.21 -0.34
N ALA A 318 4.40 -2.99 0.41
CA ALA A 318 2.95 -3.03 0.22
C ALA A 318 2.22 -1.69 0.37
N TRP A 319 2.78 -0.78 1.15
CA TRP A 319 2.15 0.52 1.34
C TRP A 319 2.68 1.55 0.36
N VAL A 320 3.64 1.16 -0.47
CA VAL A 320 4.19 2.12 -1.44
C VAL A 320 4.22 1.57 -2.89
N GLY A 321 5.33 1.78 -3.58
CA GLY A 321 5.46 1.31 -4.93
C GLY A 321 5.58 2.44 -5.94
N TYR A 322 4.84 3.52 -5.70
CA TYR A 322 4.85 4.69 -6.58
C TYR A 322 6.15 5.49 -6.62
N GLU A 323 7.04 5.24 -5.65
CA GLU A 323 8.32 5.96 -5.57
C GLU A 323 9.27 5.73 -6.76
N GLN A 324 9.04 4.68 -7.54
CA GLN A 324 9.91 4.40 -8.68
C GLN A 324 9.61 5.36 -9.83
N PHE A 325 8.34 5.77 -9.88
CA PHE A 325 7.83 6.67 -10.90
C PHE A 325 7.78 8.17 -10.60
N ILE A 326 8.18 8.52 -9.38
CA ILE A 326 8.22 9.91 -8.93
C ILE A 326 9.71 10.19 -8.73
N PRO A 327 10.33 10.93 -9.67
CA PRO A 327 11.76 11.32 -9.67
C PRO A 327 12.36 11.75 -8.33
N MET A 328 11.59 12.54 -7.60
CA MET A 328 11.94 13.08 -6.31
C MET A 328 12.24 12.00 -5.28
N MET A 329 11.51 10.90 -5.36
CA MET A 329 11.67 9.77 -4.45
C MET A 329 12.52 8.58 -4.91
N ARG A 330 13.43 8.80 -5.86
CA ARG A 330 14.30 7.73 -6.39
C ARG A 330 15.14 6.96 -5.38
N ASN A 331 15.59 7.65 -4.34
CA ASN A 331 16.41 7.03 -3.31
C ASN A 331 15.64 6.03 -2.48
N SER A 332 14.33 6.10 -2.56
CA SER A 332 13.46 5.20 -1.81
C SER A 332 13.14 3.91 -2.57
N SER A 333 13.52 3.86 -3.84
CA SER A 333 13.28 2.69 -4.68
C SER A 333 14.46 1.72 -4.74
N PRO A 334 14.27 0.51 -4.18
CA PRO A 334 15.34 -0.49 -4.20
C PRO A 334 15.57 -1.18 -5.54
N LEU A 335 14.71 -0.91 -6.52
CA LEU A 335 14.81 -1.50 -7.85
C LEU A 335 15.63 -0.63 -8.78
N LEU A 336 15.91 0.60 -8.33
CA LEU A 336 16.68 1.56 -9.11
C LEU A 336 18.13 1.65 -8.67
N ILE A 337 18.56 0.72 -7.82
CA ILE A 337 19.95 0.71 -7.33
C ILE A 337 20.83 0.15 -8.45
N ASP A 338 21.75 0.96 -8.95
CA ASP A 338 22.65 0.59 -10.04
C ASP A 338 23.91 -0.26 -9.76
N ASP A 339 24.70 0.19 -8.79
CA ASP A 339 25.95 -0.43 -8.36
C ASP A 339 26.01 -1.86 -7.76
N LEU A 340 25.03 -2.72 -8.07
CA LEU A 340 25.05 -4.08 -7.52
C LEU A 340 26.03 -5.09 -8.12
N GLY A 341 26.84 -5.69 -7.24
CA GLY A 341 27.83 -6.68 -7.62
C GLY A 341 27.67 -7.95 -6.82
N PRO A 342 28.63 -8.87 -6.84
CA PRO A 342 28.51 -10.12 -6.08
C PRO A 342 28.63 -10.04 -4.57
N GLU A 343 29.14 -8.95 -4.02
CA GLU A 343 29.26 -8.85 -2.57
C GLU A 343 28.02 -8.24 -1.91
N ASP A 344 27.07 -7.81 -2.75
CA ASP A 344 25.81 -7.20 -2.34
C ASP A 344 24.73 -8.27 -2.10
N PRO A 345 23.60 -7.91 -1.43
CA PRO A 345 22.59 -8.95 -1.22
C PRO A 345 21.58 -9.03 -2.36
N GLY A 346 20.78 -10.09 -2.35
CA GLY A 346 19.76 -10.27 -3.39
C GLY A 346 18.59 -9.41 -2.94
N ILE A 347 17.95 -8.71 -3.86
CA ILE A 347 16.83 -7.86 -3.50
C ILE A 347 15.44 -8.35 -3.98
N ILE A 348 14.54 -8.58 -3.02
CA ILE A 348 13.16 -9.03 -3.26
C ILE A 348 12.31 -7.82 -2.88
N VAL A 349 11.28 -7.51 -3.68
CA VAL A 349 10.40 -6.38 -3.41
C VAL A 349 8.95 -6.82 -3.54
N VAL A 350 8.26 -6.95 -2.41
CA VAL A 350 6.87 -7.37 -2.37
C VAL A 350 5.96 -6.13 -2.30
N GLN A 351 4.96 -6.01 -3.17
CA GLN A 351 4.12 -4.80 -3.16
C GLN A 351 2.71 -5.14 -3.45
N SER A 352 1.76 -4.62 -2.66
CA SER A 352 0.34 -4.87 -2.83
C SER A 352 -0.13 -3.85 -3.82
N VAL A 353 -0.42 -4.30 -5.05
CA VAL A 353 -0.88 -3.44 -6.13
C VAL A 353 -2.20 -2.74 -5.83
N HIS A 354 -3.08 -3.38 -5.10
CA HIS A 354 -4.41 -2.82 -4.72
C HIS A 354 -4.38 -1.67 -3.74
N LYS A 355 -3.41 -1.67 -2.84
CA LYS A 355 -3.35 -0.58 -1.85
C LYS A 355 -3.25 0.82 -2.45
N GLN A 356 -2.13 1.15 -3.07
CA GLN A 356 -1.98 2.47 -3.65
C GLN A 356 -1.51 2.51 -5.11
N GLN A 357 -1.90 1.49 -5.87
CA GLN A 357 -1.58 1.33 -7.29
C GLN A 357 -2.92 0.90 -7.90
N ALA A 358 -2.93 0.52 -9.18
CA ALA A 358 -4.17 0.10 -9.80
C ALA A 358 -4.31 -1.42 -9.85
N GLY A 359 -5.19 -1.95 -8.98
CA GLY A 359 -5.42 -3.38 -8.95
C GLY A 359 -6.58 -3.75 -8.04
N PHE A 360 -7.22 -4.90 -8.29
CA PHE A 360 -8.35 -5.36 -7.48
C PHE A 360 -7.84 -5.79 -6.10
N SER A 361 -8.72 -5.95 -5.13
CA SER A 361 -8.27 -6.38 -3.80
C SER A 361 -7.75 -7.81 -3.92
N GLN A 362 -6.63 -8.10 -3.25
CA GLN A 362 -5.95 -9.40 -3.22
C GLN A 362 -4.89 -9.53 -4.32
N THR A 363 -4.66 -8.48 -5.10
CA THR A 363 -3.64 -8.58 -6.14
C THR A 363 -2.34 -8.01 -5.65
N SER A 364 -1.25 -8.72 -5.87
CA SER A 364 0.05 -8.26 -5.44
C SER A 364 1.10 -8.86 -6.37
N GLN A 365 2.35 -8.44 -6.21
CA GLN A 365 3.43 -8.96 -7.04
C GLN A 365 4.76 -8.93 -6.34
N ILE A 366 5.67 -9.80 -6.79
CA ILE A 366 7.02 -9.88 -6.22
C ILE A 366 8.00 -9.51 -7.33
N HIS A 367 8.97 -8.62 -7.06
CA HIS A 367 9.94 -8.22 -8.05
C HIS A 367 11.25 -8.79 -7.54
N LYS A 368 11.82 -9.72 -8.28
CA LYS A 368 13.07 -10.36 -7.90
C LYS A 368 14.24 -9.70 -8.60
N LYS A 369 15.18 -9.18 -7.83
CA LYS A 369 16.36 -8.54 -8.42
C LYS A 369 17.59 -9.14 -7.77
N ASP A 370 18.00 -10.32 -8.25
CA ASP A 370 19.17 -11.00 -7.69
C ASP A 370 20.14 -11.62 -8.70
N SER A 371 20.08 -11.19 -9.95
CA SER A 371 20.97 -11.71 -10.97
C SER A 371 22.44 -11.42 -10.70
N HIS A 372 22.71 -10.46 -9.82
CA HIS A 372 24.10 -10.11 -9.50
C HIS A 372 24.80 -11.09 -8.56
N ILE A 373 24.06 -12.09 -8.07
CA ILE A 373 24.61 -13.11 -7.17
C ILE A 373 24.25 -14.49 -7.75
N LYS A 374 24.14 -14.59 -9.08
CA LYS A 374 23.78 -15.84 -9.77
C LYS A 374 24.60 -17.14 -9.62
N GLY A 375 25.92 -17.05 -9.50
CA GLY A 375 26.67 -18.28 -9.37
C GLY A 375 27.06 -18.73 -7.98
N GLN A 376 26.34 -18.31 -6.94
CA GLN A 376 26.69 -18.72 -5.59
C GLN A 376 25.63 -19.52 -4.86
N LEU A 377 26.09 -20.34 -3.92
CA LEU A 377 25.22 -21.22 -3.13
C LEU A 377 24.01 -20.57 -2.47
N ARG A 378 24.13 -19.29 -2.13
CA ARG A 378 23.02 -18.56 -1.49
C ARG A 378 21.87 -18.18 -2.43
N TYR A 379 22.16 -18.08 -3.73
CA TYR A 379 21.19 -17.73 -4.77
C TYR A 379 20.00 -18.64 -4.79
N CYS A 380 18.84 -18.05 -5.07
CA CYS A 380 17.60 -18.79 -5.12
C CYS A 380 17.09 -18.63 -6.53
N ASP A 381 17.29 -19.65 -7.36
CA ASP A 381 16.85 -19.61 -8.76
C ASP A 381 15.35 -19.75 -8.99
N HIS A 382 14.92 -19.52 -10.23
CA HIS A 382 13.52 -19.62 -10.59
C HIS A 382 12.88 -20.96 -10.21
N LYS A 383 13.61 -22.06 -10.27
CA LYS A 383 13.04 -23.35 -9.90
C LYS A 383 12.68 -23.36 -8.43
N HIS A 384 13.59 -22.89 -7.59
CA HIS A 384 13.39 -22.83 -6.14
C HIS A 384 12.28 -21.89 -5.75
N PHE A 385 12.29 -20.69 -6.32
CA PHE A 385 11.28 -19.68 -6.03
C PHE A 385 9.90 -20.07 -6.51
N ASN A 386 9.79 -20.59 -7.73
CA ASN A 386 8.48 -20.99 -8.26
C ASN A 386 7.84 -22.15 -7.50
N ASN A 387 8.67 -22.94 -6.80
CA ASN A 387 8.20 -24.09 -6.00
C ASN A 387 7.42 -23.58 -4.78
N SER A 388 7.89 -22.45 -4.25
CA SER A 388 7.31 -21.79 -3.10
C SER A 388 6.05 -21.08 -3.59
N PHE A 389 6.16 -20.44 -4.75
CA PHE A 389 5.05 -19.72 -5.38
C PHE A 389 3.87 -20.65 -5.51
N ASN A 390 4.13 -21.86 -5.97
CA ASN A 390 3.07 -22.85 -6.13
C ASN A 390 2.49 -23.48 -4.88
N LEU A 391 3.11 -23.23 -3.73
CA LEU A 391 2.60 -23.78 -2.48
C LEU A 391 1.43 -22.87 -2.09
N PHE A 392 1.62 -21.58 -2.33
CA PHE A 392 0.62 -20.59 -2.00
C PHE A 392 -0.30 -20.22 -3.12
N MET A 393 0.18 -20.31 -4.36
CA MET A 393 -0.70 -19.97 -5.51
C MET A 393 -1.75 -21.05 -5.78
N SER A 394 -2.96 -20.75 -6.05
CA SER A 394 -3.96 -21.70 -6.31
C SER A 394 -3.91 -22.37 -7.64
N THR A 395 -4.48 -23.58 -7.84
CA THR A 395 -4.37 -24.18 -9.07
C THR A 395 -5.35 -23.63 -10.08
N SER A 396 -6.36 -22.85 -9.54
CA SER A 396 -7.39 -22.24 -10.29
C SER A 396 -7.46 -20.77 -9.99
N PRO A 397 -6.48 -20.00 -10.46
CA PRO A 397 -6.47 -18.55 -10.24
C PRO A 397 -7.57 -17.81 -11.01
N PHE A 398 -7.94 -16.62 -10.53
CA PHE A 398 -8.99 -15.81 -11.15
C PHE A 398 -8.36 -14.90 -12.24
N TYR A 399 -8.67 -15.18 -13.50
CA TYR A 399 -8.13 -14.42 -14.63
C TYR A 399 -8.31 -12.93 -14.63
N PRO A 400 -9.52 -12.42 -14.24
CA PRO A 400 -9.67 -10.96 -14.23
C PRO A 400 -8.69 -10.22 -13.31
N MET A 401 -8.26 -10.91 -12.25
CA MET A 401 -7.32 -10.35 -11.27
C MET A 401 -5.91 -10.32 -11.80
N TYR A 402 -5.63 -11.27 -12.67
CA TYR A 402 -4.33 -11.41 -13.31
C TYR A 402 -4.21 -10.26 -14.33
N ALA A 403 -5.33 -9.96 -14.97
CA ALA A 403 -5.42 -8.91 -15.98
C ALA A 403 -5.24 -7.53 -15.35
N ALA A 404 -5.67 -7.38 -14.11
CA ALA A 404 -5.57 -6.11 -13.36
C ALA A 404 -4.12 -5.74 -13.11
N LEU A 405 -3.30 -6.75 -12.80
CA LEU A 405 -1.87 -6.58 -12.53
C LEU A 405 -1.14 -6.29 -13.82
N ASP A 406 -1.65 -6.86 -14.90
CA ASP A 406 -1.08 -6.70 -16.23
C ASP A 406 -1.31 -5.26 -16.64
N VAL A 407 -2.54 -4.81 -16.45
CA VAL A 407 -2.96 -3.45 -16.78
C VAL A 407 -2.30 -2.36 -15.92
N ASN A 408 -1.96 -2.71 -14.69
CA ASN A 408 -1.32 -1.79 -13.76
C ASN A 408 0.08 -1.47 -14.24
N ALA A 409 0.80 -2.49 -14.71
CA ALA A 409 2.16 -2.35 -15.22
C ALA A 409 2.17 -1.41 -16.42
N ALA A 410 1.11 -1.45 -17.23
CA ALA A 410 1.00 -0.59 -18.41
C ALA A 410 0.72 0.83 -17.93
N MET A 411 -0.13 0.94 -16.92
CA MET A 411 -0.52 2.23 -16.34
C MET A 411 0.58 3.01 -15.61
N GLN A 412 1.66 2.31 -15.25
CA GLN A 412 2.79 2.93 -14.55
C GLN A 412 3.90 3.20 -15.55
N GLU A 413 3.83 2.55 -16.72
CA GLU A 413 4.83 2.68 -17.78
C GLU A 413 4.98 4.04 -18.46
N GLY A 414 6.23 4.42 -18.76
CA GLY A 414 6.52 5.67 -19.44
C GLY A 414 6.08 6.99 -18.84
N GLU A 415 6.10 8.03 -19.69
CA GLU A 415 5.73 9.39 -19.33
C GLU A 415 4.26 9.61 -19.02
N ALA A 416 3.40 8.68 -19.42
CA ALA A 416 1.95 8.80 -19.17
C ALA A 416 1.55 8.42 -17.76
N GLY A 417 2.28 7.47 -17.19
CA GLY A 417 2.00 7.04 -15.83
C GLY A 417 2.65 7.94 -14.80
N ARG A 418 3.83 8.45 -15.12
CA ARG A 418 4.56 9.33 -14.22
C ARG A 418 3.87 10.67 -14.10
N LYS A 419 3.20 11.08 -15.18
CA LYS A 419 2.49 12.35 -15.20
C LYS A 419 1.30 12.29 -14.28
N LEU A 420 0.64 11.14 -14.24
CA LEU A 420 -0.52 10.96 -13.39
C LEU A 420 -0.17 11.11 -11.91
N TRP A 421 1.00 10.62 -11.52
CA TRP A 421 1.45 10.72 -10.12
C TRP A 421 1.93 12.13 -9.86
N HIS A 422 2.40 12.78 -10.92
CA HIS A 422 2.90 14.14 -10.83
C HIS A 422 1.77 15.15 -10.67
N ASP A 423 0.71 14.93 -11.42
CA ASP A 423 -0.44 15.81 -11.37
C ASP A 423 -1.15 15.65 -10.03
N LEU A 424 -1.05 14.46 -9.45
CA LEU A 424 -1.67 14.17 -8.17
C LEU A 424 -0.91 14.98 -7.09
N LEU A 425 0.41 15.03 -7.18
CA LEU A 425 1.22 15.78 -6.21
C LEU A 425 0.79 17.23 -6.20
N ILE A 426 0.52 17.77 -7.39
CA ILE A 426 0.12 19.16 -7.52
C ILE A 426 -1.17 19.37 -6.74
N THR A 427 -2.11 18.45 -6.93
CA THR A 427 -3.42 18.46 -6.28
C THR A 427 -3.31 18.32 -4.75
N THR A 428 -2.43 17.44 -4.30
CA THR A 428 -2.21 17.19 -2.88
C THR A 428 -1.48 18.35 -2.18
N ILE A 429 -0.54 18.97 -2.87
CA ILE A 429 0.23 20.09 -2.33
C ILE A 429 -0.69 21.30 -2.21
N GLU A 430 -1.55 21.47 -3.20
CA GLU A 430 -2.48 22.57 -3.24
C GLU A 430 -3.58 22.39 -2.21
N ALA A 431 -3.92 21.14 -1.89
CA ALA A 431 -4.97 20.85 -0.90
C ALA A 431 -4.49 21.06 0.53
N ARG A 432 -3.20 20.78 0.76
CA ARG A 432 -2.58 20.94 2.07
C ARG A 432 -2.45 22.43 2.38
N LYS A 433 -2.12 23.20 1.34
CA LYS A 433 -1.97 24.66 1.42
C LYS A 433 -3.31 25.29 1.75
N LYS A 434 -4.40 24.70 1.24
CA LYS A 434 -5.73 25.20 1.49
C LYS A 434 -6.02 25.06 2.98
N LEU A 435 -5.74 23.88 3.53
CA LEU A 435 -5.96 23.62 4.94
C LEU A 435 -5.06 24.41 5.88
N ILE A 436 -3.80 24.64 5.48
CA ILE A 436 -2.86 25.41 6.32
C ILE A 436 -3.25 26.87 6.32
N LYS A 437 -3.44 27.45 5.13
CA LYS A 437 -3.82 28.85 4.97
C LYS A 437 -5.17 29.18 5.58
N ALA A 438 -6.06 28.19 5.66
CA ALA A 438 -7.39 28.38 6.24
C ALA A 438 -7.37 28.11 7.74
N GLY A 439 -6.17 28.02 8.30
CA GLY A 439 -5.94 27.77 9.72
C GLY A 439 -6.74 26.67 10.40
N SER A 440 -6.90 25.55 9.70
CA SER A 440 -7.66 24.40 10.22
C SER A 440 -7.06 23.75 11.48
N MET A 441 -7.89 23.10 12.28
CA MET A 441 -7.42 22.44 13.49
C MET A 441 -6.86 21.05 13.12
N PHE A 442 -7.07 20.66 11.87
CA PHE A 442 -6.61 19.39 11.33
C PHE A 442 -5.46 19.77 10.39
N ARG A 443 -4.26 19.89 10.96
CA ARG A 443 -3.07 20.25 10.20
C ARG A 443 -2.33 19.07 9.56
N PRO A 444 -1.95 19.17 8.26
CA PRO A 444 -1.22 18.08 7.58
C PRO A 444 0.22 17.89 8.11
N PHE A 445 0.64 16.64 8.32
CA PHE A 445 1.97 16.27 8.83
C PHE A 445 3.06 16.52 7.80
N VAL A 446 3.59 17.74 7.79
CA VAL A 446 4.64 18.14 6.86
C VAL A 446 5.54 19.12 7.62
N PRO A 447 6.74 19.44 7.08
CA PRO A 447 7.58 20.40 7.82
C PRO A 447 6.94 21.80 7.84
N PRO A 448 7.01 22.52 8.98
CA PRO A 448 6.42 23.85 9.09
C PRO A 448 7.24 24.91 8.37
N VAL A 449 8.55 24.71 8.33
CA VAL A 449 9.44 25.66 7.67
C VAL A 449 10.57 24.96 6.91
N VAL A 450 10.59 25.17 5.60
CA VAL A 450 11.57 24.60 4.67
C VAL A 450 12.34 25.73 3.96
N ASN A 451 13.67 25.74 4.10
CA ASN A 451 14.57 26.74 3.49
C ASN A 451 14.34 28.20 3.91
N GLY A 452 14.00 28.41 5.18
CA GLY A 452 13.74 29.75 5.68
C GLY A 452 12.40 30.38 5.37
N LYS A 453 11.53 29.64 4.69
CA LYS A 453 10.21 30.12 4.34
C LYS A 453 9.24 29.06 4.83
N LYS A 454 7.98 29.43 4.96
CA LYS A 454 6.93 28.50 5.42
C LYS A 454 6.58 27.51 4.33
N TRP A 455 6.16 26.31 4.73
CA TRP A 455 5.79 25.24 3.80
C TRP A 455 4.83 25.72 2.72
N GLU A 456 3.71 26.30 3.14
CA GLU A 456 2.69 26.80 2.22
C GLU A 456 3.16 27.92 1.30
N ASP A 457 4.32 28.50 1.60
CA ASP A 457 4.86 29.60 0.79
C ASP A 457 5.80 29.20 -0.32
N GLY A 458 5.89 27.90 -0.56
CA GLY A 458 6.75 27.40 -1.61
C GLY A 458 5.95 27.18 -2.90
N ASP A 459 6.66 27.19 -4.02
CA ASP A 459 6.07 27.00 -5.34
C ASP A 459 5.63 25.54 -5.49
N THR A 460 4.34 25.33 -5.77
CA THR A 460 3.75 24.00 -5.94
C THR A 460 4.51 23.10 -6.91
N GLU A 461 5.01 23.68 -7.99
CA GLU A 461 5.75 22.90 -8.97
C GLU A 461 7.11 22.46 -8.44
N ASP A 462 7.74 23.30 -7.63
CA ASP A 462 9.05 23.00 -7.06
C ASP A 462 8.89 21.93 -6.03
N MET A 463 7.90 22.14 -5.17
CA MET A 463 7.57 21.22 -4.10
C MET A 463 7.25 19.80 -4.60
N ALA A 464 6.80 19.69 -5.84
CA ALA A 464 6.47 18.39 -6.41
C ALA A 464 7.74 17.68 -6.89
N ASN A 465 8.85 18.39 -6.92
CA ASN A 465 10.09 17.78 -7.37
C ASN A 465 11.28 18.24 -6.52
N ASN A 466 11.02 18.57 -5.27
CA ASN A 466 12.07 19.01 -4.33
C ASN A 466 11.87 18.13 -3.11
N ILE A 467 12.89 17.35 -2.77
CA ILE A 467 12.81 16.46 -1.62
C ILE A 467 12.88 17.15 -0.25
N ASP A 468 13.39 18.38 -0.22
CA ASP A 468 13.52 19.16 1.01
C ASP A 468 12.17 19.43 1.68
N TYR A 469 11.12 19.54 0.89
CA TYR A 469 9.78 19.80 1.41
C TYR A 469 9.14 18.58 2.07
N TRP A 470 9.68 17.41 1.74
CA TRP A 470 9.16 16.15 2.28
C TRP A 470 10.16 15.35 3.12
N ARG A 471 11.03 16.04 3.86
CA ARG A 471 11.97 15.28 4.66
C ARG A 471 11.96 15.46 6.16
N PHE A 472 12.20 14.34 6.84
CA PHE A 472 12.24 14.28 8.29
C PHE A 472 13.65 14.68 8.68
N GLU A 473 13.84 15.95 9.03
CA GLU A 473 15.18 16.43 9.42
C GLU A 473 15.59 15.91 10.79
N LYS A 474 16.81 15.44 10.93
CA LYS A 474 17.36 14.89 12.19
C LYS A 474 17.14 15.83 13.39
N GLY A 475 16.43 15.35 14.40
CA GLY A 475 16.16 16.13 15.59
C GLY A 475 15.14 17.28 15.53
N ALA A 476 14.50 17.50 14.38
CA ALA A 476 13.51 18.57 14.23
C ALA A 476 12.29 18.26 15.12
N LYS A 477 11.83 19.24 15.88
CA LYS A 477 10.70 19.07 16.79
C LYS A 477 9.34 18.62 16.26
N TRP A 478 8.96 19.10 15.08
CA TRP A 478 7.65 18.75 14.47
C TRP A 478 7.22 17.30 14.38
N HIS A 479 8.15 16.43 13.99
CA HIS A 479 7.89 14.99 13.86
C HIS A 479 8.13 14.25 15.16
N ALA A 480 9.05 14.80 15.94
CA ALA A 480 9.43 14.29 17.24
C ALA A 480 9.91 12.86 17.32
N TYR A 481 10.52 12.35 16.26
CA TYR A 481 11.03 10.98 16.30
C TYR A 481 12.44 11.19 16.84
N GLU A 482 12.77 10.57 17.98
CA GLU A 482 14.11 10.74 18.58
C GLU A 482 15.32 10.01 17.98
N GLY A 483 15.08 9.04 17.09
CA GLY A 483 16.18 8.31 16.50
C GLY A 483 16.41 8.29 14.99
N TYR A 484 16.31 9.44 14.34
CA TYR A 484 16.51 9.54 12.88
C TYR A 484 17.86 10.19 12.56
N GLY A 485 18.49 9.77 11.48
CA GLY A 485 19.77 10.34 11.09
C GLY A 485 19.57 11.28 9.93
N ASP A 486 20.66 11.72 9.31
CA ASP A 486 20.56 12.64 8.18
C ASP A 486 20.25 11.88 6.89
N ASN A 487 19.38 12.45 6.06
CA ASN A 487 18.96 11.87 4.77
C ASN A 487 18.61 10.37 4.85
N GLN A 488 17.82 10.00 5.83
CA GLN A 488 17.43 8.62 6.02
C GLN A 488 15.95 8.30 5.82
N TYR A 489 15.08 9.23 6.19
CA TYR A 489 13.63 9.05 6.04
C TYR A 489 12.99 10.20 5.34
N TYR A 490 11.87 9.93 4.67
CA TYR A 490 11.13 10.95 3.94
C TYR A 490 9.66 10.81 4.20
N VAL A 491 8.96 11.93 4.03
CA VAL A 491 7.52 11.97 4.23
C VAL A 491 6.89 11.49 2.92
N ASP A 492 6.14 10.40 3.01
CA ASP A 492 5.45 9.79 1.88
C ASP A 492 4.40 10.80 1.46
N PRO A 493 4.59 11.47 0.31
CA PRO A 493 3.60 12.48 -0.10
C PRO A 493 2.18 12.02 -0.45
N ASN A 494 2.04 10.74 -0.77
CA ASN A 494 0.73 10.22 -1.12
C ASN A 494 -0.17 9.75 0.02
N LYS A 495 0.26 10.02 1.22
CA LYS A 495 -0.51 9.65 2.38
C LYS A 495 -0.98 10.95 3.05
N PHE A 496 -2.21 11.36 2.72
CA PHE A 496 -2.81 12.59 3.27
C PHE A 496 -3.08 12.33 4.76
N MET A 497 -2.04 12.58 5.53
CA MET A 497 -2.05 12.40 6.97
C MET A 497 -2.34 13.71 7.71
N LEU A 498 -3.48 13.81 8.39
CA LEU A 498 -3.84 15.02 9.14
C LEU A 498 -3.78 14.77 10.64
N THR A 499 -3.25 15.73 11.39
CA THR A 499 -3.15 15.61 12.85
C THR A 499 -4.37 16.32 13.46
N THR A 500 -4.81 15.87 14.62
CA THR A 500 -5.96 16.44 15.29
C THR A 500 -5.47 17.01 16.63
N PRO A 501 -6.13 18.09 17.15
CA PRO A 501 -5.68 18.66 18.44
C PRO A 501 -5.62 17.74 19.67
N GLY A 502 -4.69 18.03 20.59
CA GLY A 502 -4.56 17.23 21.79
C GLY A 502 -3.14 16.85 22.12
N ILE A 503 -2.24 16.94 21.13
CA ILE A 503 -0.84 16.62 21.30
C ILE A 503 0.05 17.79 20.92
N ASN A 504 1.14 17.94 21.66
CA ASN A 504 2.09 19.02 21.40
C ASN A 504 3.43 18.30 21.23
N PRO A 505 3.88 18.14 19.97
CA PRO A 505 5.15 17.47 19.65
C PRO A 505 6.35 18.28 20.15
N GLU A 506 6.12 19.57 20.41
CA GLU A 506 7.13 20.48 20.92
C GLU A 506 7.64 20.05 22.28
N THR A 507 6.72 20.01 23.25
CA THR A 507 7.06 19.61 24.63
C THR A 507 6.98 18.10 24.87
N GLY A 508 6.36 17.39 23.94
CA GLY A 508 6.24 15.96 24.06
C GLY A 508 5.16 15.50 25.01
N ASP A 509 4.07 16.24 25.09
CA ASP A 509 2.98 15.84 25.98
C ASP A 509 1.64 16.38 25.46
N TYR A 510 0.59 15.95 26.15
CA TYR A 510 -0.78 16.32 25.84
C TYR A 510 -1.14 17.76 26.16
N GLU A 511 -2.13 18.27 25.44
CA GLU A 511 -2.61 19.63 25.62
C GLU A 511 -3.87 19.50 26.48
N ASP A 512 -4.39 20.61 26.98
CA ASP A 512 -5.58 20.56 27.82
C ASP A 512 -6.81 20.05 27.08
N PHE A 513 -7.07 20.60 25.91
CA PHE A 513 -8.22 20.20 25.10
C PHE A 513 -7.80 19.38 23.86
N GLY A 514 -8.62 18.39 23.52
CA GLY A 514 -8.30 17.57 22.38
C GLY A 514 -9.51 17.06 21.65
N VAL A 515 -9.34 16.89 20.35
CA VAL A 515 -10.37 16.38 19.45
C VAL A 515 -9.88 15.01 18.99
N PRO A 516 -10.36 13.93 19.64
CA PRO A 516 -9.92 12.60 19.23
C PRO A 516 -10.30 12.28 17.77
N ALA A 517 -9.34 11.76 16.99
CA ALA A 517 -9.55 11.42 15.57
C ALA A 517 -10.75 10.57 15.24
N THR A 518 -11.26 9.82 16.20
CA THR A 518 -12.41 8.97 15.95
C THR A 518 -13.73 9.79 15.77
N ILE A 519 -13.73 11.02 16.25
CA ILE A 519 -14.90 11.88 16.13
C ILE A 519 -14.92 12.37 14.69
N VAL A 520 -13.74 12.68 14.17
CA VAL A 520 -13.58 13.15 12.80
C VAL A 520 -13.95 12.01 11.85
N ALA A 521 -13.50 10.80 12.18
CA ALA A 521 -13.77 9.61 11.38
C ALA A 521 -15.25 9.33 11.23
N ASN A 522 -15.97 9.29 12.34
CA ASN A 522 -17.41 9.02 12.31
C ASN A 522 -18.24 10.16 11.70
N TYR A 523 -17.74 11.39 11.78
CA TYR A 523 -18.46 12.53 11.23
C TYR A 523 -18.49 12.45 9.70
N LEU A 524 -17.30 12.28 9.12
CA LEU A 524 -17.13 12.18 7.67
C LEU A 524 -17.84 10.95 7.11
N ARG A 525 -17.86 9.87 7.88
CA ARG A 525 -18.51 8.64 7.45
C ARG A 525 -20.03 8.85 7.32
N ASP A 526 -20.58 9.74 8.16
CA ASP A 526 -22.02 10.05 8.15
C ASP A 526 -22.35 11.01 7.02
N HIS A 527 -21.33 11.72 6.56
CA HIS A 527 -21.48 12.68 5.48
C HIS A 527 -20.95 12.11 4.14
N GLY A 528 -20.94 10.79 4.07
CA GLY A 528 -20.50 10.06 2.90
C GLY A 528 -19.03 9.80 2.65
N ILE A 529 -18.15 10.59 3.25
CA ILE A 529 -16.70 10.44 3.07
C ILE A 529 -16.07 9.33 3.93
N ILE A 530 -15.59 8.28 3.26
CA ILE A 530 -14.97 7.15 3.92
C ILE A 530 -13.46 7.30 4.01
N PRO A 531 -12.90 7.56 5.23
CA PRO A 531 -11.46 7.72 5.39
C PRO A 531 -10.81 6.33 5.38
N GLU A 532 -9.49 6.29 5.53
CA GLU A 532 -8.79 5.02 5.54
C GLU A 532 -8.79 4.53 7.00
N LYS A 533 -8.24 5.35 7.89
CA LYS A 533 -8.20 5.00 9.30
C LYS A 533 -8.06 6.26 10.13
N SER A 534 -8.19 6.07 11.43
CA SER A 534 -8.07 7.15 12.38
C SER A 534 -7.47 6.51 13.62
N ASP A 535 -6.43 7.14 14.13
CA ASP A 535 -5.75 6.66 15.31
C ASP A 535 -6.33 7.46 16.47
N LEU A 536 -5.51 7.83 17.43
CA LEU A 536 -6.02 8.58 18.55
C LEU A 536 -6.04 10.09 18.28
N ASN A 537 -5.05 10.58 17.56
CA ASN A 537 -4.98 12.01 17.25
C ASN A 537 -4.52 12.29 15.84
N SER A 538 -5.02 11.50 14.90
CA SER A 538 -4.69 11.64 13.49
C SER A 538 -5.64 10.86 12.59
N ILE A 539 -5.85 11.35 11.37
CA ILE A 539 -6.75 10.70 10.41
C ILE A 539 -6.06 10.62 9.05
N LEU A 540 -6.25 9.49 8.35
CA LEU A 540 -5.62 9.29 7.05
C LEU A 540 -6.50 9.04 5.82
N PHE A 541 -6.07 9.60 4.70
CA PHE A 541 -6.77 9.45 3.42
C PHE A 541 -5.68 9.00 2.44
N LEU A 542 -5.97 7.97 1.66
CA LEU A 542 -4.99 7.46 0.68
C LEU A 542 -5.11 8.18 -0.66
N MET A 543 -3.97 8.62 -1.20
CA MET A 543 -3.92 9.34 -2.47
C MET A 543 -3.35 8.60 -3.70
N THR A 544 -4.16 8.40 -4.73
CA THR A 544 -3.72 7.74 -5.97
C THR A 544 -4.26 8.66 -7.07
N PRO A 545 -3.83 8.49 -8.34
CA PRO A 545 -4.38 9.38 -9.40
C PRO A 545 -5.90 9.37 -9.59
N ALA A 546 -6.63 8.70 -8.70
CA ALA A 546 -8.08 8.64 -8.76
C ALA A 546 -8.69 9.95 -8.21
N GLU A 547 -7.88 10.76 -7.52
CA GLU A 547 -8.37 12.01 -6.95
C GLU A 547 -8.29 13.17 -7.96
N THR A 548 -9.25 14.09 -7.82
CA THR A 548 -9.37 15.26 -8.65
C THR A 548 -9.47 16.38 -7.63
N PRO A 549 -9.10 17.64 -8.02
CA PRO A 549 -9.18 18.77 -7.08
C PRO A 549 -10.57 18.95 -6.48
N ALA A 550 -11.57 18.49 -7.21
CA ALA A 550 -12.96 18.57 -6.81
C ALA A 550 -13.22 17.67 -5.63
N LYS A 551 -12.66 16.47 -5.66
CA LYS A 551 -12.81 15.46 -4.60
C LYS A 551 -12.13 15.91 -3.32
N MET A 552 -11.02 16.63 -3.47
CA MET A 552 -10.25 17.12 -2.33
C MET A 552 -10.94 18.28 -1.68
N ASN A 553 -11.56 19.13 -2.50
CA ASN A 553 -12.27 20.31 -2.02
C ASN A 553 -13.50 19.89 -1.27
N ASN A 554 -14.06 18.76 -1.68
CA ASN A 554 -15.26 18.21 -1.05
C ASN A 554 -14.89 17.62 0.33
N LEU A 555 -13.60 17.38 0.53
CA LEU A 555 -13.09 16.83 1.78
C LEU A 555 -12.79 18.00 2.69
N ILE A 556 -12.01 18.95 2.18
CA ILE A 556 -11.64 20.13 2.93
C ILE A 556 -12.84 20.90 3.45
N THR A 557 -13.96 20.83 2.71
CA THR A 557 -15.20 21.50 3.08
C THR A 557 -15.82 20.87 4.33
N GLN A 558 -16.00 19.55 4.30
CA GLN A 558 -16.57 18.81 5.41
C GLN A 558 -15.72 18.83 6.69
N LEU A 559 -14.46 19.22 6.58
CA LEU A 559 -13.54 19.29 7.73
C LEU A 559 -13.62 20.70 8.34
N LEU A 560 -14.10 21.64 7.54
CA LEU A 560 -14.24 23.01 7.96
C LEU A 560 -15.60 23.13 8.64
N GLN A 561 -16.55 22.26 8.28
CA GLN A 561 -17.89 22.28 8.87
C GLN A 561 -17.79 21.75 10.31
N LEU A 562 -17.04 20.66 10.47
CA LEU A 562 -16.84 20.01 11.77
C LEU A 562 -16.01 20.89 12.67
N GLN A 563 -15.18 21.73 12.07
CA GLN A 563 -14.33 22.61 12.83
C GLN A 563 -15.15 23.66 13.58
N ARG A 564 -16.14 24.23 12.89
CA ARG A 564 -17.00 25.25 13.49
C ARG A 564 -18.01 24.67 14.48
N LEU A 565 -18.40 23.41 14.28
CA LEU A 565 -19.35 22.72 15.16
C LEU A 565 -18.66 22.37 16.48
N ILE A 566 -17.34 22.41 16.49
CA ILE A 566 -16.55 22.11 17.67
C ILE A 566 -16.19 23.39 18.43
N GLU A 567 -15.81 24.43 17.69
CA GLU A 567 -15.45 25.69 18.33
C GLU A 567 -16.65 26.48 18.88
N GLU A 568 -17.87 26.04 18.55
CA GLU A 568 -19.07 26.71 19.02
C GLU A 568 -19.88 25.81 19.98
N ASP A 569 -19.44 24.57 20.11
CA ASP A 569 -20.05 23.55 20.96
C ASP A 569 -21.48 23.20 20.58
N ALA A 570 -21.60 22.27 19.62
CA ALA A 570 -22.88 21.80 19.12
C ALA A 570 -23.29 20.48 19.75
N PRO A 571 -24.61 20.22 19.84
CA PRO A 571 -25.05 18.95 20.44
C PRO A 571 -24.60 17.69 19.69
N LEU A 572 -24.35 16.62 20.44
CA LEU A 572 -23.89 15.35 19.87
C LEU A 572 -24.91 14.67 18.95
N LYS A 573 -26.18 15.03 19.10
CA LYS A 573 -27.22 14.44 18.26
C LYS A 573 -27.18 15.09 16.88
N GLN A 574 -26.63 16.30 16.83
CA GLN A 574 -26.49 17.08 15.61
C GLN A 574 -25.25 16.70 14.81
N VAL A 575 -24.12 16.63 15.51
CA VAL A 575 -22.82 16.28 14.93
C VAL A 575 -22.68 14.82 14.51
N LEU A 576 -22.94 13.91 15.43
CA LEU A 576 -22.86 12.47 15.18
C LEU A 576 -24.21 11.80 15.51
N PRO A 577 -25.11 11.71 14.50
CA PRO A 577 -26.43 11.10 14.73
C PRO A 577 -26.49 9.58 14.64
N SER A 578 -25.45 8.98 14.05
CA SER A 578 -25.38 7.51 13.89
C SER A 578 -24.96 6.81 15.17
N ILE A 579 -23.99 7.41 15.85
CA ILE A 579 -23.46 6.88 17.12
C ILE A 579 -24.39 7.21 18.30
N TYR A 580 -25.26 8.20 18.11
CA TYR A 580 -26.21 8.65 19.11
C TYR A 580 -27.44 7.76 19.07
N ALA A 581 -28.01 7.58 17.89
CA ALA A 581 -29.21 6.74 17.71
C ALA A 581 -28.91 5.24 17.85
N ALA A 582 -27.95 4.92 18.70
CA ALA A 582 -27.52 3.55 18.98
C ALA A 582 -27.16 3.52 20.46
N ASN A 583 -26.47 4.56 20.91
CA ASN A 583 -26.03 4.70 22.31
C ASN A 583 -26.62 5.97 22.91
N GLU A 584 -27.95 6.07 22.98
CA GLU A 584 -28.58 7.28 23.54
C GLU A 584 -28.48 7.53 25.04
N GLU A 585 -28.82 6.54 25.87
CA GLU A 585 -28.74 6.71 27.31
C GLU A 585 -27.35 6.86 27.92
N ARG A 586 -26.32 6.66 27.10
CA ARG A 586 -24.92 6.78 27.53
C ARG A 586 -24.39 8.16 27.18
N TYR A 587 -24.80 8.66 26.01
CA TYR A 587 -24.36 9.98 25.57
C TYR A 587 -25.47 11.02 25.65
N ASN A 588 -26.45 10.79 26.52
CA ASN A 588 -27.58 11.71 26.69
C ASN A 588 -27.18 13.11 27.15
N GLY A 589 -27.63 14.12 26.42
CA GLY A 589 -27.32 15.50 26.77
C GLY A 589 -25.89 15.94 26.51
N TYR A 590 -25.07 15.09 25.93
CA TYR A 590 -23.68 15.41 25.64
C TYR A 590 -23.58 16.34 24.44
N THR A 591 -22.50 17.10 24.41
CA THR A 591 -22.21 18.03 23.32
C THR A 591 -20.84 17.55 22.82
N ILE A 592 -20.38 17.93 21.63
CA ILE A 592 -19.08 17.43 21.18
C ILE A 592 -17.93 17.75 22.10
N ARG A 593 -17.81 18.99 22.58
CA ARG A 593 -16.73 19.34 23.47
C ARG A 593 -16.76 18.56 24.75
N GLU A 594 -17.94 18.15 25.20
CA GLU A 594 -18.12 17.37 26.42
C GLU A 594 -17.54 15.97 26.24
N LEU A 595 -17.72 15.43 25.04
CA LEU A 595 -17.24 14.10 24.65
C LEU A 595 -15.74 14.19 24.32
N CYS A 596 -15.37 15.26 23.63
CA CYS A 596 -13.98 15.53 23.25
C CYS A 596 -13.08 15.61 24.45
N GLN A 597 -13.48 16.36 25.48
CA GLN A 597 -12.67 16.48 26.69
C GLN A 597 -12.64 15.16 27.43
N GLU A 598 -13.76 14.46 27.42
CA GLU A 598 -13.85 13.18 28.10
C GLU A 598 -12.99 12.10 27.50
N LEU A 599 -13.08 11.95 26.18
CA LEU A 599 -12.33 10.97 25.42
C LEU A 599 -10.84 11.29 25.38
N HIS A 600 -10.52 12.58 25.46
CA HIS A 600 -9.13 13.02 25.43
C HIS A 600 -8.44 12.79 26.78
N ASP A 601 -9.12 13.15 27.86
CA ASP A 601 -8.57 12.98 29.20
C ASP A 601 -8.29 11.55 29.57
N PHE A 602 -9.07 10.62 29.04
CA PHE A 602 -8.89 9.18 29.32
C PHE A 602 -7.54 8.69 28.84
N TYR A 603 -7.18 9.10 27.63
CA TYR A 603 -5.91 8.73 27.04
C TYR A 603 -4.79 9.57 27.62
N LYS A 604 -5.11 10.79 28.05
CA LYS A 604 -4.14 11.72 28.63
C LYS A 604 -3.70 11.26 30.02
N ASN A 605 -4.67 10.92 30.86
CA ASN A 605 -4.40 10.48 32.22
C ASN A 605 -3.77 9.11 32.30
N ASN A 606 -3.81 8.38 31.19
CA ASN A 606 -3.25 7.05 31.12
C ASN A 606 -1.89 7.00 30.44
N ASN A 607 -1.44 8.14 29.94
CA ASN A 607 -0.15 8.27 29.26
C ASN A 607 -0.03 7.22 28.17
N THR A 608 -1.06 7.16 27.34
CA THR A 608 -1.18 6.24 26.23
C THR A 608 -0.07 6.30 25.18
N PHE A 609 0.49 7.48 24.90
CA PHE A 609 1.55 7.55 23.90
C PHE A 609 2.92 7.12 24.41
N THR A 610 3.07 7.11 25.72
CA THR A 610 4.31 6.71 26.37
C THR A 610 4.46 5.18 26.28
N TYR A 611 3.33 4.48 26.42
CA TYR A 611 3.29 3.04 26.35
C TYR A 611 3.33 2.61 24.89
N GLN A 612 2.78 3.43 24.02
CA GLN A 612 2.73 3.16 22.57
C GLN A 612 4.16 3.21 22.00
N LYS A 613 5.01 4.00 22.64
CA LYS A 613 6.39 4.19 22.26
C LYS A 613 7.27 3.07 22.78
N ARG A 614 7.06 2.72 24.03
CA ARG A 614 7.84 1.68 24.70
C ARG A 614 7.74 0.28 24.13
N LEU A 615 6.59 -0.06 23.54
CA LEU A 615 6.34 -1.37 22.94
C LEU A 615 7.28 -1.65 21.76
N PHE A 616 7.88 -0.61 21.23
CA PHE A 616 8.79 -0.76 20.10
C PHE A 616 10.20 -0.31 20.41
N LEU A 617 10.53 -0.35 21.68
CA LEU A 617 11.85 0.04 22.17
C LEU A 617 12.46 -1.24 22.74
N ARG A 618 13.74 -1.50 22.45
CA ARG A 618 14.42 -2.70 22.94
C ARG A 618 14.43 -2.91 24.43
N GLU A 619 14.47 -1.81 25.19
CA GLU A 619 14.48 -1.86 26.65
C GLU A 619 13.20 -2.47 27.22
N PHE A 620 12.11 -2.34 26.46
CA PHE A 620 10.79 -2.86 26.83
C PHE A 620 10.22 -4.01 25.99
N PHE A 621 11.07 -4.65 25.18
CA PHE A 621 10.63 -5.77 24.33
C PHE A 621 10.32 -6.92 25.28
N PRO A 622 9.30 -7.72 24.95
CA PRO A 622 9.01 -8.81 25.86
C PRO A 622 10.15 -9.81 25.86
N GLU A 623 10.20 -10.63 26.89
CA GLU A 623 11.24 -11.63 26.99
C GLU A 623 10.77 -12.81 26.16
N GLN A 624 11.71 -13.43 25.46
CA GLN A 624 11.41 -14.59 24.62
C GLN A 624 11.43 -15.82 25.49
N GLY A 625 10.27 -16.38 25.79
CA GLY A 625 10.22 -17.57 26.62
C GLY A 625 10.15 -18.84 25.78
N MET A 626 10.00 -18.66 24.47
CA MET A 626 9.91 -19.75 23.49
C MET A 626 10.07 -19.10 22.11
N LEU A 627 10.55 -19.86 21.13
CA LEU A 627 10.74 -19.32 19.78
C LEU A 627 9.36 -19.32 19.10
N PRO A 628 9.12 -18.42 18.12
CA PRO A 628 7.81 -18.41 17.47
C PRO A 628 7.33 -19.74 16.88
N TYR A 629 8.25 -20.54 16.35
CA TYR A 629 7.93 -21.85 15.76
C TYR A 629 7.48 -22.83 16.85
N GLU A 630 8.24 -22.87 17.94
CA GLU A 630 7.96 -23.74 19.08
C GLU A 630 6.63 -23.38 19.72
N ALA A 631 6.33 -22.09 19.75
CA ALA A 631 5.09 -21.56 20.32
C ALA A 631 3.89 -21.99 19.52
N ARG A 632 4.01 -21.99 18.20
CA ARG A 632 2.92 -22.40 17.31
C ARG A 632 2.67 -23.91 17.40
N GLN A 633 3.73 -24.68 17.59
CA GLN A 633 3.63 -26.14 17.71
C GLN A 633 2.86 -26.48 18.96
N GLU A 634 3.11 -25.72 20.02
CA GLU A 634 2.42 -25.96 21.30
C GLU A 634 0.95 -25.58 21.17
N PHE A 635 0.69 -24.62 20.29
CA PHE A 635 -0.65 -24.13 20.03
C PHE A 635 -1.41 -25.21 19.24
N ILE A 636 -0.72 -25.83 18.29
CA ILE A 636 -1.34 -26.89 17.46
C ILE A 636 -1.73 -28.07 18.37
N ARG A 637 -0.83 -28.42 19.28
CA ARG A 637 -0.97 -29.53 20.26
C ARG A 637 -1.96 -29.31 21.43
N ASN A 638 -2.60 -28.15 21.44
CA ASN A 638 -3.58 -27.73 22.45
C ASN A 638 -3.03 -27.59 23.88
N HIS A 639 -1.77 -27.21 23.96
CA HIS A 639 -1.10 -27.03 25.24
C HIS A 639 -1.30 -25.55 25.60
N ASN A 640 -2.56 -25.19 25.82
CA ASN A 640 -2.90 -23.82 26.16
C ASN A 640 -4.08 -23.57 27.12
N LYS A 641 -4.14 -22.33 27.64
CA LYS A 641 -5.18 -21.90 28.55
C LYS A 641 -5.50 -20.44 28.26
N LEU A 642 -6.77 -20.08 28.39
CA LEU A 642 -7.27 -18.73 28.16
C LEU A 642 -7.15 -17.98 29.49
N VAL A 643 -6.18 -17.09 29.57
CA VAL A 643 -5.94 -16.29 30.78
C VAL A 643 -6.38 -14.84 30.62
N PRO A 644 -7.06 -14.23 31.64
CA PRO A 644 -7.47 -12.83 31.44
C PRO A 644 -6.26 -11.89 31.60
N LEU A 645 -6.37 -10.69 31.05
CA LEU A 645 -5.27 -9.71 31.12
C LEU A 645 -4.70 -9.34 32.51
N ASN A 646 -5.53 -9.38 33.55
CA ASN A 646 -5.08 -9.04 34.89
C ASN A 646 -4.13 -10.06 35.50
N LYS A 647 -4.13 -11.26 34.94
CA LYS A 647 -3.26 -12.34 35.43
C LYS A 647 -2.28 -12.84 34.36
N ILE A 648 -2.28 -12.17 33.21
CA ILE A 648 -1.41 -12.54 32.09
C ILE A 648 0.07 -12.15 32.09
N GLU A 649 0.47 -11.08 32.78
CA GLU A 649 1.88 -10.68 32.80
C GLU A 649 2.83 -11.82 33.15
N GLY A 650 3.81 -12.06 32.28
CA GLY A 650 4.77 -13.13 32.51
C GLY A 650 4.43 -14.43 31.79
N GLU A 651 3.16 -14.58 31.42
CA GLU A 651 2.68 -15.78 30.71
C GLU A 651 3.15 -15.75 29.26
N ILE A 652 3.48 -16.92 28.72
CA ILE A 652 3.95 -17.04 27.34
C ILE A 652 2.82 -16.98 26.34
N ALA A 653 2.77 -15.90 25.56
CA ALA A 653 1.73 -15.70 24.56
C ALA A 653 1.86 -16.68 23.41
N LEU A 654 0.78 -17.37 23.08
CA LEU A 654 0.85 -18.33 21.98
C LEU A 654 0.38 -17.73 20.65
N GLU A 655 -0.20 -16.54 20.75
CA GLU A 655 -0.72 -15.80 19.61
C GLU A 655 -0.23 -14.35 19.67
N GLY A 656 -0.13 -13.71 18.52
CA GLY A 656 0.34 -12.34 18.47
C GLY A 656 -0.74 -11.36 18.88
N ALA A 657 -0.44 -10.47 19.82
CA ALA A 657 -1.37 -9.45 20.30
C ALA A 657 -1.24 -8.28 19.30
N LEU A 658 -2.31 -8.05 18.55
CA LEU A 658 -2.42 -7.00 17.55
C LEU A 658 -3.39 -5.89 17.90
N PRO A 659 -2.87 -4.71 18.30
CA PRO A 659 -3.76 -3.60 18.63
C PRO A 659 -3.76 -2.52 17.55
N TYR A 660 -4.88 -1.81 17.43
CA TYR A 660 -5.02 -0.72 16.45
C TYR A 660 -5.32 0.55 17.25
N PRO A 661 -4.34 1.50 17.34
CA PRO A 661 -2.95 1.56 16.80
C PRO A 661 -1.93 0.68 17.55
N PRO A 662 -0.77 0.36 16.89
CA PRO A 662 -0.29 0.75 15.56
C PRO A 662 -0.68 -0.21 14.43
N GLY A 663 -1.22 -1.37 14.79
CA GLY A 663 -1.63 -2.33 13.80
C GLY A 663 -0.51 -3.32 13.54
N VAL A 664 0.43 -3.38 14.48
CA VAL A 664 1.58 -4.27 14.39
C VAL A 664 1.64 -5.09 15.67
N PHE A 665 2.21 -6.30 15.60
CA PHE A 665 2.33 -7.19 16.75
C PHE A 665 3.07 -6.51 17.92
N CYS A 666 2.54 -6.66 19.13
CA CYS A 666 3.17 -6.07 20.30
C CYS A 666 3.78 -7.14 21.17
N VAL A 667 3.26 -8.36 21.02
CA VAL A 667 3.74 -9.50 21.76
C VAL A 667 3.61 -10.58 20.71
N ALA A 668 4.74 -11.03 20.19
CA ALA A 668 4.78 -12.07 19.16
C ALA A 668 4.63 -13.42 19.84
N PRO A 669 4.12 -14.44 19.10
CA PRO A 669 3.99 -15.75 19.75
C PRO A 669 5.34 -16.26 20.27
N GLY A 670 5.37 -16.77 21.50
CA GLY A 670 6.62 -17.27 22.06
C GLY A 670 7.15 -16.29 23.11
N GLU A 671 6.80 -15.02 22.96
CA GLU A 671 7.21 -13.94 23.85
C GLU A 671 6.28 -13.89 25.07
N LYS A 672 6.80 -13.53 26.25
CA LYS A 672 5.91 -13.48 27.42
C LYS A 672 5.46 -12.07 27.67
N TRP A 673 4.16 -11.93 27.91
CA TRP A 673 3.51 -10.63 28.17
C TRP A 673 4.25 -9.68 29.12
N SER A 674 4.73 -8.59 28.55
CA SER A 674 5.46 -7.57 29.28
C SER A 674 4.48 -6.71 30.04
N GLU A 675 5.00 -5.93 30.99
CA GLU A 675 4.17 -5.04 31.79
C GLU A 675 3.59 -3.97 30.87
N THR A 676 4.41 -3.50 29.93
CA THR A 676 4.04 -2.48 28.95
C THR A 676 2.91 -2.95 28.04
N ALA A 677 2.90 -4.25 27.74
CA ALA A 677 1.89 -4.86 26.89
C ALA A 677 0.59 -4.89 27.63
N VAL A 678 0.64 -5.31 28.89
CA VAL A 678 -0.56 -5.39 29.75
C VAL A 678 -1.12 -3.97 30.01
N LYS A 679 -0.26 -2.96 30.19
CA LYS A 679 -0.74 -1.61 30.43
C LYS A 679 -1.49 -1.09 29.24
N TYR A 680 -0.86 -1.12 28.08
CA TYR A 680 -1.49 -0.64 26.86
C TYR A 680 -2.78 -1.34 26.51
N PHE A 681 -2.84 -2.65 26.69
CA PHE A 681 -4.03 -3.40 26.37
C PHE A 681 -5.17 -3.14 27.34
N THR A 682 -4.83 -2.83 28.59
CA THR A 682 -5.82 -2.56 29.61
C THR A 682 -6.47 -1.21 29.32
N ILE A 683 -5.70 -0.22 28.85
CA ILE A 683 -6.22 1.11 28.53
C ILE A 683 -7.29 1.01 27.43
N LEU A 684 -6.96 0.29 26.35
CA LEU A 684 -7.85 0.07 25.20
C LEU A 684 -9.03 -0.79 25.61
N GLN A 685 -8.82 -1.70 26.58
CA GLN A 685 -9.90 -2.57 27.03
C GLN A 685 -10.93 -1.71 27.76
N ASP A 686 -10.43 -0.83 28.62
CA ASP A 686 -11.29 0.07 29.38
C ASP A 686 -11.99 1.03 28.43
N GLY A 687 -11.29 1.41 27.36
CA GLY A 687 -11.87 2.33 26.37
C GLY A 687 -13.04 1.72 25.62
N ILE A 688 -13.06 0.41 25.48
CA ILE A 688 -14.16 -0.26 24.78
C ILE A 688 -15.40 -0.17 25.66
N ASN A 689 -15.18 -0.37 26.95
CA ASN A 689 -16.22 -0.33 27.97
C ASN A 689 -16.74 1.08 28.26
N ASN A 690 -15.83 2.01 28.51
CA ASN A 690 -16.16 3.39 28.82
C ASN A 690 -16.83 4.18 27.72
N PHE A 691 -16.34 4.01 26.50
CA PHE A 691 -16.89 4.70 25.35
C PHE A 691 -17.44 3.84 24.21
N PRO A 692 -18.69 3.32 24.34
CA PRO A 692 -19.20 2.52 23.23
C PRO A 692 -19.45 3.37 21.97
N GLY A 693 -18.87 2.98 20.84
CA GLY A 693 -19.03 3.73 19.60
C GLY A 693 -17.70 4.25 19.08
N PHE A 694 -16.76 4.46 20.01
CA PHE A 694 -15.42 4.95 19.68
C PHE A 694 -14.40 3.95 20.24
N ALA A 695 -14.62 2.68 19.93
CA ALA A 695 -13.77 1.58 20.38
C ALA A 695 -12.72 1.18 19.33
N PRO A 696 -11.44 1.07 19.75
CA PRO A 696 -10.40 0.67 18.79
C PRO A 696 -10.41 -0.82 18.42
N GLU A 697 -10.11 -1.11 17.15
CA GLU A 697 -10.08 -2.49 16.62
C GLU A 697 -8.95 -3.25 17.35
N ILE A 698 -9.19 -4.50 17.73
CA ILE A 698 -8.18 -5.30 18.42
C ILE A 698 -8.25 -6.81 18.11
N GLN A 699 -7.13 -7.35 17.62
CA GLN A 699 -7.01 -8.77 17.26
C GLN A 699 -5.99 -9.47 18.20
N GLY A 700 -5.98 -10.80 18.17
CA GLY A 700 -5.07 -11.58 19.02
C GLY A 700 -5.54 -11.78 20.45
N VAL A 701 -6.63 -11.10 20.82
CA VAL A 701 -7.18 -11.20 22.14
C VAL A 701 -8.67 -11.50 22.00
N TYR A 702 -9.24 -12.22 22.97
CA TYR A 702 -10.67 -12.60 22.94
C TYR A 702 -11.53 -12.01 24.06
N PHE A 703 -12.54 -11.24 23.69
CA PHE A 703 -13.44 -10.62 24.66
C PHE A 703 -14.56 -11.49 25.18
N LYS A 704 -14.72 -11.52 26.51
CA LYS A 704 -15.75 -12.30 27.17
C LYS A 704 -16.59 -11.36 28.03
N GLN A 705 -17.90 -11.35 27.82
CA GLN A 705 -18.83 -10.50 28.58
C GLN A 705 -18.94 -11.06 30.00
N GLU A 706 -18.35 -10.34 30.96
CA GLU A 706 -18.37 -10.74 32.36
C GLU A 706 -18.94 -9.58 33.20
N GLY A 707 -20.24 -9.65 33.52
CA GLY A 707 -20.87 -8.61 34.31
C GLY A 707 -21.34 -7.45 33.43
N ASP A 708 -21.12 -6.23 33.90
CA ASP A 708 -21.51 -5.06 33.13
C ASP A 708 -20.41 -4.70 32.13
N LYS A 709 -19.22 -5.27 32.33
CA LYS A 709 -18.07 -5.03 31.47
C LYS A 709 -17.64 -6.23 30.63
N VAL A 710 -16.93 -5.95 29.54
CA VAL A 710 -16.43 -6.98 28.62
C VAL A 710 -14.91 -7.11 28.86
N VAL A 711 -14.53 -8.20 29.50
CA VAL A 711 -13.15 -8.51 29.83
C VAL A 711 -12.33 -9.14 28.68
N ALA A 712 -11.02 -8.87 28.61
CA ALA A 712 -10.15 -9.41 27.54
C ALA A 712 -9.32 -10.62 27.98
N TYR A 713 -9.27 -11.63 27.11
CA TYR A 713 -8.52 -12.87 27.34
C TYR A 713 -7.51 -13.13 26.25
N GLY A 714 -6.62 -14.09 26.48
CA GLY A 714 -5.59 -14.43 25.51
C GLY A 714 -5.10 -15.87 25.66
N GLU A 715 -4.89 -16.57 24.53
CA GLU A 715 -4.42 -17.96 24.55
C GLU A 715 -2.95 -18.00 24.99
N VAL A 716 -2.74 -18.63 26.12
CA VAL A 716 -1.41 -18.74 26.66
C VAL A 716 -1.01 -20.19 26.96
N TYR A 717 0.30 -20.45 26.94
CA TYR A 717 0.86 -21.79 27.20
C TYR A 717 0.50 -22.33 28.59
N ASP A 718 0.12 -23.60 28.64
CA ASP A 718 -0.23 -24.29 29.86
C ASP A 718 0.73 -25.48 29.99
N ALA A 719 1.75 -25.30 30.81
CA ALA A 719 2.76 -26.35 31.03
C ALA A 719 2.22 -27.58 31.72
N GLU A 720 1.03 -27.44 32.29
CA GLU A 720 0.36 -28.53 32.99
C GLU A 720 -0.23 -29.51 31.98
N VAL A 721 -0.77 -28.98 30.89
CA VAL A 721 -1.38 -29.76 29.82
C VAL A 721 -0.26 -30.42 29.00
N ALA A 722 0.91 -29.79 28.99
CA ALA A 722 2.07 -30.28 28.25
C ALA A 722 2.65 -31.54 28.88
N LYS A 723 2.69 -31.58 30.22
CA LYS A 723 3.23 -32.74 30.90
C LYS A 723 2.18 -33.83 31.10
N ASN A 724 0.91 -33.45 31.04
CA ASN A 724 -0.18 -34.40 31.21
C ASN A 724 -0.74 -34.83 29.85
N ASP A 725 0.15 -34.90 28.86
CA ASP A 725 -0.23 -35.31 27.51
C ASP A 725 0.76 -36.42 27.11
N ASP A 726 0.27 -37.66 27.13
CA ASP A 726 1.08 -38.83 26.78
C ASP A 726 1.42 -38.96 25.28
N ARG A 727 0.79 -38.12 24.45
CA ARG A 727 1.00 -38.11 23.01
C ARG A 727 2.40 -37.66 22.59
N TYR A 728 2.87 -36.56 23.17
CA TYR A 728 4.19 -36.02 22.84
C TYR A 728 5.13 -36.24 24.02
N ASN A 729 5.01 -37.43 24.61
CA ASN A 729 5.77 -37.92 25.76
C ASN A 729 5.41 -37.21 27.07
N ASN A 730 4.83 -37.96 28.00
CA ASN A 730 4.41 -37.45 29.30
C ASN A 730 5.31 -36.39 29.96
N1 PLP B . 2.73 -6.13 4.45
C2 PLP B . 2.41 -4.78 4.61
C2A PLP B . 3.42 -3.77 5.09
C3 PLP B . 1.12 -4.35 4.35
C4 PLP B . 0.13 -5.26 3.99
C4A PLP B . -1.33 -4.72 3.63
C5 PLP B . 0.47 -6.62 3.87
C6 PLP B . 1.77 -7.05 4.09
C5A PLP B . -0.64 -7.65 3.55
O4P PLP B . -0.96 -7.44 2.19
P PLP B . -2.31 -7.82 1.69
O1P PLP B . -3.11 -6.74 2.18
O2P PLP B . -2.95 -9.11 1.84
O3P PLP B . -2.12 -7.56 0.28
PG GTP C . 17.46 -18.45 -13.01
O1G GTP C . 18.13 -17.37 -13.78
O2G GTP C . 16.65 -18.05 -11.84
O3G GTP C . 18.64 -19.52 -12.61
O3B GTP C . 16.47 -19.37 -13.93
PB GTP C . 16.48 -19.11 -15.52
O1B GTP C . 15.59 -17.96 -15.75
O2B GTP C . 17.87 -19.02 -16.03
O3A GTP C . 15.83 -20.38 -16.30
PA GTP C . 14.70 -21.31 -15.60
O1A GTP C . 14.45 -22.45 -16.47
O2A GTP C . 15.01 -21.56 -14.18
O5' GTP C . 13.50 -20.30 -15.76
C5' GTP C . 13.03 -19.96 -17.06
C4' GTP C . 11.52 -19.89 -17.00
O4' GTP C . 11.07 -18.88 -16.10
C3' GTP C . 10.93 -19.54 -18.33
O3' GTP C . 10.83 -20.74 -19.11
C2' GTP C . 9.60 -18.95 -17.95
O2' GTP C . 8.58 -19.93 -17.97
C1' GTP C . 9.83 -18.36 -16.58
N9 GTP C . 9.97 -16.90 -16.60
C8 GTP C . 10.75 -16.11 -17.38
N7 GTP C . 10.64 -14.84 -17.09
C5 GTP C . 9.71 -14.79 -16.04
C6 GTP C . 9.20 -13.69 -15.27
O6 GTP C . 9.40 -12.47 -15.38
N1 GTP C . 8.32 -14.13 -14.27
C2 GTP C . 7.97 -15.43 -14.03
N2 GTP C . 7.14 -15.65 -13.03
N3 GTP C . 8.44 -16.46 -14.76
C4 GTP C . 9.34 -16.07 -15.71
#